data_6Y1W
#
_entry.id   6Y1W
#
_cell.length_a   119.960
_cell.length_b   119.960
_cell.length_c   70.400
_cell.angle_alpha   90.000
_cell.angle_beta   90.000
_cell.angle_gamma   120.000
#
_symmetry.space_group_name_H-M   'P 32'
#
loop_
_entity.id
_entity.type
_entity.pdbx_description
1 polymer 'Putative tryptophan halogenase'
2 non-polymer 'PHOSPHATE ION'
3 non-polymer 'L(+)-TARTARIC ACID'
4 non-polymer '2-(N-MORPHOLINO)-ETHANESULFONIC ACID'
5 non-polymer (2S,3S)-butane-2,3-diol
6 non-polymer Meso-2,3-Butanediol
7 water water
#
_entity_poly.entity_id   1
_entity_poly.type   'polypeptide(L)'
_entity_poly.pdbx_seq_one_letter_code
;GAMGHAPAPSESQRLVRRVVIAGGGTAGWMAAAALSKLLGRQLQITLVESDEIGTVGVGEATIPSLVTFHRLLEIDEAQF
MAATQATFKVGIAFEHWRDVDRHYIHSFGHTGTDHWSAGFQHFWLKAHARGVARDFGDYCLELRAAQEGRFAHLPNGGMN
YAYHLDAGLYARFLRRFSEGFGVQRIEGRIGSVQTDAHSGDIAALVLDDGTRIEGDLFLDCTGFRALLIGQTLGVGSEDW
SRWLFADSALAVQTESVGAPVTFTRARADRAGWMWRIPLQHRVGNGIVYSSRYTDQDSAAQVLEHNLQGRALTTPRALRF
TPNQRHRVWEKNCVALGLASGFLEPIESTNIHLIQRGIVRLLQTFPQVIDPVDIAEYNRQAAEEIAHIRDFVILHYHATD
RRDTAFWRDCASMEIPDSLRHRMELFRQSGRVFHQGNELFAENSWIQVMLGQGIVPRHHHPVADLMGDAELSQFLEGIRQ
RVEATLARLPPHAEFLRRYCPAPAPPAPMPQPAPGTPLAAPAA
;
_entity_poly.pdbx_strand_id   A,B
#
loop_
_chem_comp.id
_chem_comp.type
_chem_comp.name
_chem_comp.formula
BU9 non-polymer Meso-2,3-Butanediol 'C4 H10 O2'
BUD non-polymer (2S,3S)-butane-2,3-diol 'C4 H10 O2'
MES non-polymer '2-(N-MORPHOLINO)-ETHANESULFONIC ACID' 'C6 H13 N O4 S'
PO4 non-polymer 'PHOSPHATE ION' 'O4 P -3'
TLA non-polymer 'L(+)-TARTARIC ACID' 'C4 H6 O6'
#
# COMPACT_ATOMS: atom_id res chain seq x y z
N PRO A 9 -21.17 -30.98 -10.62
CA PRO A 9 -20.76 -31.70 -9.41
C PRO A 9 -21.62 -31.35 -8.21
N SER A 10 -21.44 -32.08 -7.10
CA SER A 10 -22.18 -31.78 -5.88
C SER A 10 -21.69 -30.47 -5.29
N GLU A 11 -22.60 -29.52 -5.09
CA GLU A 11 -22.23 -28.24 -4.47
C GLU A 11 -21.90 -28.42 -2.99
N SER A 12 -22.71 -29.20 -2.26
CA SER A 12 -22.44 -29.41 -0.84
C SER A 12 -21.10 -30.09 -0.61
N GLN A 13 -20.69 -30.97 -1.54
CA GLN A 13 -19.38 -31.61 -1.48
C GLN A 13 -18.23 -30.62 -1.60
N ARG A 14 -18.52 -29.39 -2.02
CA ARG A 14 -17.48 -28.39 -2.13
C ARG A 14 -17.16 -27.70 -0.79
N LEU A 15 -17.99 -27.83 0.25
CA LEU A 15 -17.73 -27.09 1.47
C LEU A 15 -16.44 -27.56 2.13
N VAL A 16 -15.58 -26.62 2.54
CA VAL A 16 -14.30 -26.96 3.15
C VAL A 16 -14.53 -27.15 4.64
N ARG A 17 -14.45 -28.41 5.12
CA ARG A 17 -14.63 -28.74 6.52
C ARG A 17 -13.47 -29.47 7.12
N ARG A 18 -12.60 -30.07 6.32
CA ARG A 18 -11.47 -30.86 6.80
C ARG A 18 -10.21 -30.30 6.17
N VAL A 19 -9.25 -29.89 7.00
CA VAL A 19 -7.97 -29.37 6.52
C VAL A 19 -6.88 -30.33 6.96
N VAL A 20 -6.04 -30.74 6.01
CA VAL A 20 -4.95 -31.67 6.30
C VAL A 20 -3.64 -30.94 6.03
N ILE A 21 -2.77 -30.90 7.02
CA ILE A 21 -1.46 -30.23 6.94
C ILE A 21 -0.40 -31.32 6.80
N ALA A 22 0.31 -31.32 5.69
CA ALA A 22 1.35 -32.32 5.44
C ALA A 22 2.69 -31.73 5.84
N GLY A 23 3.28 -32.26 6.91
CA GLY A 23 4.54 -31.74 7.42
C GLY A 23 4.36 -30.93 8.69
N GLY A 24 5.39 -30.99 9.55
CA GLY A 24 5.39 -30.28 10.80
C GLY A 24 6.37 -29.14 10.72
N GLY A 25 7.27 -29.07 11.70
CA GLY A 25 8.25 -28.06 11.80
C GLY A 25 7.58 -26.71 11.96
N THR A 26 8.33 -25.66 11.62
CA THR A 26 7.73 -24.34 11.81
CA THR A 26 7.82 -24.31 11.74
C THR A 26 6.61 -24.08 10.84
N ALA A 27 6.74 -24.49 9.58
CA ALA A 27 5.65 -24.18 8.63
C ALA A 27 4.36 -24.85 9.04
N GLY A 28 4.43 -26.15 9.34
CA GLY A 28 3.22 -26.90 9.63
C GLY A 28 2.57 -26.43 10.92
N TRP A 29 3.39 -26.20 11.96
CA TRP A 29 2.76 -25.86 13.24
C TRP A 29 2.40 -24.39 13.32
N MET A 30 3.08 -23.50 12.59
CA MET A 30 2.55 -22.14 12.49
C MET A 30 1.20 -22.15 11.80
N ALA A 31 1.04 -22.97 10.76
CA ALA A 31 -0.24 -23.03 10.06
C ALA A 31 -1.31 -23.64 10.96
N ALA A 32 -0.96 -24.75 11.62
CA ALA A 32 -1.92 -25.39 12.51
C ALA A 32 -2.36 -24.44 13.62
N ALA A 33 -1.41 -23.66 14.15
CA ALA A 33 -1.71 -22.79 15.27
C ALA A 33 -2.68 -21.69 14.87
N ALA A 34 -2.40 -20.99 13.76
CA ALA A 34 -3.27 -19.90 13.35
C ALA A 34 -4.62 -20.42 12.89
N LEU A 35 -4.64 -21.52 12.12
CA LEU A 35 -5.91 -22.03 11.60
C LEU A 35 -6.78 -22.55 12.73
N SER A 36 -6.19 -23.26 13.72
CA SER A 36 -7.00 -23.82 14.79
C SER A 36 -7.48 -22.74 15.75
N LYS A 37 -6.63 -21.73 16.01
CA LYS A 37 -7.05 -20.60 16.85
C LYS A 37 -8.30 -19.95 16.28
N LEU A 38 -8.30 -19.66 14.97
CA LEU A 38 -9.38 -18.88 14.37
C LEU A 38 -10.59 -19.73 14.01
N LEU A 39 -10.38 -20.93 13.44
CA LEU A 39 -11.45 -21.69 12.83
C LEU A 39 -11.57 -23.12 13.37
N GLY A 40 -10.82 -23.46 14.44
CA GLY A 40 -10.84 -24.83 14.94
C GLY A 40 -12.22 -25.27 15.44
N ARG A 41 -13.14 -24.33 15.72
CA ARG A 41 -14.49 -24.77 16.12
C ARG A 41 -15.30 -25.24 14.93
N GLN A 42 -14.88 -24.89 13.72
CA GLN A 42 -15.65 -25.24 12.53
C GLN A 42 -14.94 -26.23 11.64
N LEU A 43 -13.65 -26.46 11.83
CA LEU A 43 -12.90 -27.32 10.94
C LEU A 43 -12.33 -28.50 11.70
N GLN A 44 -12.21 -29.62 11.02
CA GLN A 44 -11.40 -30.73 11.49
CA GLN A 44 -11.40 -30.72 11.50
C GLN A 44 -10.00 -30.53 10.91
N ILE A 45 -9.02 -30.32 11.77
CA ILE A 45 -7.67 -30.03 11.32
C ILE A 45 -6.76 -31.17 11.75
N THR A 46 -6.07 -31.77 10.79
CA THR A 46 -5.15 -32.87 11.02
C THR A 46 -3.77 -32.51 10.50
N LEU A 47 -2.72 -32.76 11.29
CA LEU A 47 -1.34 -32.56 10.85
C LEU A 47 -0.61 -33.89 10.88
N VAL A 48 0.02 -34.23 9.76
CA VAL A 48 0.78 -35.46 9.58
C VAL A 48 2.27 -35.09 9.56
N GLU A 49 3.05 -35.72 10.43
CA GLU A 49 4.48 -35.48 10.41
C GLU A 49 5.19 -36.73 10.94
N SER A 50 6.43 -36.88 10.51
CA SER A 50 7.26 -38.02 10.89
C SER A 50 8.22 -37.61 11.98
N ASP A 51 8.33 -38.43 13.03
CA ASP A 51 9.34 -38.18 14.07
C ASP A 51 10.78 -38.33 13.54
N GLU A 52 10.96 -38.97 12.39
CA GLU A 52 12.30 -39.10 11.83
C GLU A 52 12.73 -37.87 11.01
N ILE A 53 11.90 -36.85 10.90
CA ILE A 53 12.19 -35.66 10.11
C ILE A 53 12.33 -34.46 11.02
N GLY A 54 13.36 -33.66 10.82
CA GLY A 54 13.56 -32.50 11.67
C GLY A 54 14.96 -32.45 12.26
N THR A 55 15.40 -31.26 12.64
CA THR A 55 16.73 -31.02 13.21
C THR A 55 16.58 -30.25 14.51
N VAL A 56 17.26 -30.73 15.57
CA VAL A 56 17.26 -30.08 16.88
C VAL A 56 18.33 -29.00 16.94
N GLY A 57 18.00 -27.84 17.55
CA GLY A 57 19.00 -26.83 17.76
C GLY A 57 19.24 -25.80 16.66
N VAL A 58 18.26 -25.55 15.81
CA VAL A 58 18.37 -24.52 14.77
C VAL A 58 18.03 -23.16 15.37
N GLY A 59 19.01 -22.24 15.35
CA GLY A 59 18.77 -20.83 15.74
C GLY A 59 18.39 -20.01 14.51
N GLU A 60 17.38 -19.16 14.66
CA GLU A 60 16.86 -18.42 13.52
C GLU A 60 16.51 -17.00 13.92
N ALA A 61 16.79 -16.03 13.04
CA ALA A 61 16.35 -14.65 13.26
C ALA A 61 15.01 -14.37 12.55
N THR A 62 14.30 -13.36 13.05
CA THR A 62 12.95 -13.05 12.60
C THR A 62 12.84 -11.54 12.37
N ILE A 63 11.66 -11.11 11.93
CA ILE A 63 11.41 -9.69 11.71
C ILE A 63 10.10 -9.28 12.38
N PRO A 64 9.79 -7.98 12.44
CA PRO A 64 8.74 -7.53 13.37
C PRO A 64 7.35 -8.05 13.04
N SER A 65 7.09 -8.51 11.83
CA SER A 65 5.78 -9.10 11.57
C SER A 65 5.44 -10.24 12.52
N LEU A 66 6.45 -10.94 13.07
CA LEU A 66 6.11 -12.03 13.97
C LEU A 66 5.49 -11.50 15.27
N VAL A 67 5.86 -10.29 15.68
CA VAL A 67 5.23 -9.70 16.86
C VAL A 67 3.74 -9.56 16.61
N THR A 68 3.37 -9.09 15.43
CA THR A 68 1.96 -9.01 15.07
C THR A 68 1.31 -10.39 15.01
N PHE A 69 1.97 -11.39 14.43
CA PHE A 69 1.42 -12.75 14.40
C PHE A 69 1.00 -13.22 15.80
N HIS A 70 1.85 -12.98 16.80
CA HIS A 70 1.52 -13.44 18.13
C HIS A 70 0.39 -12.63 18.73
N ARG A 71 0.26 -11.35 18.35
CA ARG A 71 -0.92 -10.59 18.77
C ARG A 71 -2.18 -11.16 18.19
N LEU A 72 -2.16 -11.57 16.91
CA LEU A 72 -3.36 -12.15 16.32
C LEU A 72 -3.72 -13.45 17.03
N LEU A 73 -2.72 -14.24 17.37
CA LEU A 73 -2.98 -15.55 17.97
C LEU A 73 -3.16 -15.45 19.49
N GLU A 74 -2.95 -14.26 20.07
CA GLU A 74 -2.95 -14.08 21.53
C GLU A 74 -1.96 -15.00 22.22
N ILE A 75 -0.75 -15.05 21.67
CA ILE A 75 0.39 -15.71 22.27
C ILE A 75 1.15 -14.67 23.07
N ASP A 76 1.40 -14.96 24.35
CA ASP A 76 2.11 -14.04 25.24
C ASP A 76 3.59 -14.00 24.89
N GLU A 77 4.12 -12.79 24.71
CA GLU A 77 5.49 -12.65 24.22
C GLU A 77 6.51 -13.21 25.21
N ALA A 78 6.40 -12.86 26.50
CA ALA A 78 7.42 -13.36 27.44
C ALA A 78 7.38 -14.90 27.56
N GLN A 79 6.19 -15.51 27.52
CA GLN A 79 6.09 -16.96 27.61
C GLN A 79 6.70 -17.63 26.38
N PHE A 80 6.38 -17.09 25.19
CA PHE A 80 6.96 -17.58 23.95
C PHE A 80 8.49 -17.46 23.98
N MET A 81 9.03 -16.31 24.42
CA MET A 81 10.48 -16.11 24.38
C MET A 81 11.20 -17.04 25.35
N ALA A 82 10.67 -17.17 26.57
CA ALA A 82 11.29 -18.08 27.53
C ALA A 82 11.25 -19.51 27.03
N ALA A 83 10.19 -19.89 26.32
CA ALA A 83 10.06 -21.25 25.83
C ALA A 83 10.93 -21.54 24.62
N THR A 84 11.47 -20.52 23.95
CA THR A 84 12.22 -20.73 22.72
C THR A 84 13.64 -20.23 22.85
N GLN A 85 14.14 -20.02 24.08
CA GLN A 85 15.50 -19.52 24.33
C GLN A 85 15.74 -18.18 23.63
N ALA A 86 14.68 -17.36 23.48
CA ALA A 86 14.76 -16.25 22.53
C ALA A 86 15.42 -15.01 23.11
N THR A 87 16.02 -14.20 22.22
CA THR A 87 16.52 -12.88 22.59
C THR A 87 15.90 -11.84 21.66
N PHE A 88 16.17 -10.58 21.95
CA PHE A 88 15.63 -9.52 21.10
C PHE A 88 16.58 -9.16 19.97
N LYS A 89 15.99 -8.70 18.86
CA LYS A 89 16.73 -8.31 17.67
C LYS A 89 16.26 -6.94 17.23
N VAL A 90 17.21 -6.00 17.02
CA VAL A 90 16.84 -4.68 16.49
C VAL A 90 17.46 -4.41 15.12
N GLY A 91 18.22 -5.34 14.56
CA GLY A 91 18.83 -5.07 13.26
C GLY A 91 19.81 -6.16 12.88
N ILE A 92 20.47 -5.94 11.74
CA ILE A 92 21.47 -6.84 11.17
C ILE A 92 22.74 -6.02 10.92
N ALA A 93 23.88 -6.52 11.41
CA ALA A 93 25.15 -5.86 11.13
C ALA A 93 25.75 -6.48 9.87
N PHE A 94 25.87 -5.66 8.82
CA PHE A 94 26.39 -6.12 7.53
C PHE A 94 27.86 -5.78 7.46
N GLU A 95 28.71 -6.78 7.57
CA GLU A 95 30.17 -6.60 7.56
C GLU A 95 30.76 -7.08 6.23
N HIS A 96 31.60 -6.22 5.62
CA HIS A 96 32.39 -6.55 4.43
C HIS A 96 31.55 -6.63 3.15
N TRP A 97 30.34 -6.04 3.14
CA TRP A 97 29.49 -6.09 1.94
C TRP A 97 29.81 -4.93 0.99
N ARG A 98 29.81 -3.70 1.51
CA ARG A 98 30.15 -2.55 0.68
C ARG A 98 31.56 -2.72 0.12
N ASP A 99 32.51 -3.06 0.99
CA ASP A 99 33.86 -3.43 0.58
C ASP A 99 34.47 -4.13 1.78
N VAL A 100 35.62 -4.77 1.57
CA VAL A 100 36.37 -5.28 2.71
C VAL A 100 36.60 -4.15 3.69
N ASP A 101 36.34 -4.46 4.96
CA ASP A 101 36.50 -3.59 6.11
C ASP A 101 35.59 -2.38 6.10
N ARG A 102 34.51 -2.39 5.31
CA ARG A 102 33.51 -1.33 5.35
C ARG A 102 32.19 -1.94 5.74
N HIS A 103 31.67 -1.51 6.88
CA HIS A 103 30.53 -2.15 7.55
C HIS A 103 29.42 -1.13 7.75
N TYR A 104 28.21 -1.63 7.96
CA TYR A 104 27.09 -0.77 8.34
C TYR A 104 26.03 -1.64 9.00
N ILE A 105 25.00 -1.00 9.54
CA ILE A 105 23.87 -1.71 10.16
C ILE A 105 22.59 -1.38 9.41
N HIS A 106 21.79 -2.43 9.15
CA HIS A 106 20.44 -2.31 8.65
C HIS A 106 19.53 -2.58 9.84
N SER A 107 18.92 -1.53 10.37
CA SER A 107 18.13 -1.68 11.59
C SER A 107 16.65 -1.58 11.25
N PHE A 108 15.82 -1.96 12.23
CA PHE A 108 14.42 -1.60 12.19
C PHE A 108 14.26 -0.12 12.51
N GLY A 109 13.03 0.35 12.53
CA GLY A 109 12.80 1.75 12.89
C GLY A 109 12.93 2.70 11.71
N HIS A 110 13.19 3.97 12.01
CA HIS A 110 13.26 5.00 10.99
C HIS A 110 14.41 5.91 11.37
N THR A 111 15.12 6.38 10.38
CA THR A 111 16.27 7.25 10.68
C THR A 111 15.80 8.68 10.58
N GLY A 112 16.00 9.45 11.66
CA GLY A 112 15.71 10.89 11.61
C GLY A 112 14.22 11.18 11.55
N THR A 113 13.91 12.34 10.99
CA THR A 113 12.55 12.87 10.90
C THR A 113 12.29 13.33 9.48
N ASP A 114 11.15 12.93 8.93
CA ASP A 114 10.81 13.30 7.55
C ASP A 114 10.06 14.62 7.51
N HIS A 115 10.08 15.24 6.34
CA HIS A 115 9.15 16.30 6.01
C HIS A 115 8.10 15.70 5.09
N TRP A 116 6.91 16.31 5.06
CA TRP A 116 5.88 15.72 4.17
C TRP A 116 6.31 15.70 2.72
N SER A 117 7.19 16.63 2.31
CA SER A 117 7.65 16.68 0.93
C SER A 117 8.91 15.85 0.69
N ALA A 118 9.62 15.40 1.75
CA ALA A 118 10.93 14.78 1.52
C ALA A 118 11.38 13.99 2.74
N GLY A 119 11.86 12.77 2.49
CA GLY A 119 12.31 11.95 3.60
C GLY A 119 13.58 12.51 4.23
N PHE A 120 13.85 12.04 5.47
CA PHE A 120 14.99 12.57 6.25
C PHE A 120 16.30 12.54 5.47
N GLN A 121 16.50 11.51 4.65
CA GLN A 121 17.79 11.35 3.99
C GLN A 121 18.15 12.54 3.11
N HIS A 122 17.15 13.30 2.62
CA HIS A 122 17.46 14.48 1.81
C HIS A 122 18.10 15.56 2.65
N PHE A 123 17.62 15.76 3.89
CA PHE A 123 18.26 16.70 4.80
C PHE A 123 19.62 16.19 5.22
N TRP A 124 19.74 14.88 5.44
CA TRP A 124 21.06 14.33 5.79
C TRP A 124 22.06 14.52 4.66
N LEU A 125 21.63 14.28 3.40
CA LEU A 125 22.51 14.42 2.25
C LEU A 125 23.00 15.86 2.09
N LYS A 126 22.09 16.83 2.24
CA LYS A 126 22.50 18.23 2.21
C LYS A 126 23.49 18.49 3.33
N ALA A 127 23.20 17.97 4.52
CA ALA A 127 24.10 18.20 5.65
C ALA A 127 25.46 17.58 5.39
N HIS A 128 25.48 16.40 4.78
CA HIS A 128 26.75 15.78 4.41
C HIS A 128 27.52 16.64 3.40
N ALA A 129 26.82 17.17 2.39
CA ALA A 129 27.50 18.05 1.43
C ALA A 129 28.05 19.30 2.12
N ARG A 130 27.40 19.78 3.17
CA ARG A 130 27.84 20.95 3.92
C ARG A 130 28.77 20.61 5.08
N GLY A 131 29.12 19.34 5.25
CA GLY A 131 30.03 18.94 6.32
C GLY A 131 29.46 19.08 7.71
N VAL A 132 28.14 19.02 7.88
CA VAL A 132 27.55 19.10 9.21
C VAL A 132 26.72 17.85 9.55
N ALA A 133 27.01 16.71 8.90
CA ALA A 133 26.31 15.45 9.17
C ALA A 133 27.24 14.48 9.88
N ARG A 134 26.71 13.78 10.89
CA ARG A 134 27.35 12.61 11.47
C ARG A 134 26.97 11.38 10.66
N ASP A 135 27.54 10.22 11.00
CA ASP A 135 27.14 8.99 10.34
C ASP A 135 25.61 8.86 10.33
N PHE A 136 25.06 8.42 9.21
CA PHE A 136 23.62 8.23 9.07
C PHE A 136 23.03 7.43 10.22
N GLY A 137 23.78 6.42 10.71
CA GLY A 137 23.25 5.57 11.77
C GLY A 137 23.04 6.28 13.10
N ASP A 138 23.75 7.39 13.34
CA ASP A 138 23.61 8.13 14.59
C ASP A 138 22.22 8.72 14.79
N TYR A 139 21.38 8.73 13.77
CA TYR A 139 20.06 9.35 13.84
C TYR A 139 18.93 8.32 13.97
N CYS A 140 19.26 7.06 14.30
CA CYS A 140 18.28 5.97 14.40
C CYS A 140 18.44 5.24 15.72
N LEU A 141 17.40 5.26 16.56
CA LEU A 141 17.49 4.66 17.89
C LEU A 141 17.78 3.16 17.83
N GLU A 142 17.03 2.43 17.00
CA GLU A 142 17.24 0.98 16.97
C GLU A 142 18.67 0.65 16.58
N LEU A 143 19.23 1.41 15.64
CA LEU A 143 20.61 1.19 15.21
C LEU A 143 21.56 1.43 16.38
N ARG A 144 21.35 2.53 17.12
CA ARG A 144 22.21 2.77 18.27
C ARG A 144 22.04 1.67 19.34
N ALA A 145 20.83 1.12 19.47
CA ALA A 145 20.65 0.01 20.41
C ALA A 145 21.40 -1.23 19.96
N ALA A 146 21.55 -1.41 18.64
CA ALA A 146 22.39 -2.49 18.16
C ALA A 146 23.84 -2.24 18.52
N GLN A 147 24.31 -1.00 18.37
CA GLN A 147 25.71 -0.71 18.67
C GLN A 147 26.02 -0.90 20.14
N GLU A 148 25.10 -0.52 21.02
CA GLU A 148 25.39 -0.50 22.45
C GLU A 148 24.86 -1.72 23.19
N GLY A 149 24.13 -2.61 22.52
CA GLY A 149 23.66 -3.82 23.19
C GLY A 149 22.60 -3.62 24.24
N ARG A 150 21.66 -2.70 23.98
CA ARG A 150 20.62 -2.33 24.92
CA ARG A 150 20.62 -2.36 24.93
C ARG A 150 19.24 -2.63 24.35
N PHE A 151 18.29 -2.95 25.24
CA PHE A 151 16.91 -3.19 24.80
C PHE A 151 15.96 -3.07 25.98
N ALA A 152 14.84 -2.38 25.74
CA ALA A 152 13.60 -2.56 26.50
C ALA A 152 12.46 -2.06 25.63
N HIS A 153 11.21 -2.46 25.95
CA HIS A 153 10.08 -1.92 25.20
C HIS A 153 9.92 -0.44 25.54
N LEU A 154 9.44 0.33 24.57
CA LEU A 154 9.12 1.72 24.82
C LEU A 154 7.63 1.97 24.63
N PRO A 155 7.07 2.99 25.29
CA PRO A 155 5.63 3.26 25.15
C PRO A 155 5.23 3.44 23.70
N ASN A 156 3.99 3.00 23.39
CA ASN A 156 3.38 3.17 22.07
C ASN A 156 4.27 2.60 20.97
N GLY A 157 4.81 1.41 21.21
CA GLY A 157 5.68 0.78 20.23
C GLY A 157 6.84 1.64 19.77
N GLY A 158 7.47 2.37 20.71
CA GLY A 158 8.55 3.26 20.34
C GLY A 158 9.85 2.57 19.98
N MET A 159 10.00 1.30 20.33
CA MET A 159 11.15 0.48 19.90
C MET A 159 10.63 -0.56 18.93
N ASN A 160 11.21 -0.61 17.72
CA ASN A 160 10.84 -1.61 16.73
C ASN A 160 11.82 -2.78 16.81
N TYR A 161 11.30 -4.02 16.88
CA TYR A 161 12.17 -5.13 17.22
C TYR A 161 11.53 -6.44 16.74
N ALA A 162 12.36 -7.50 16.75
CA ALA A 162 11.88 -8.86 16.55
C ALA A 162 12.73 -9.78 17.44
N TYR A 163 12.95 -11.04 17.03
CA TYR A 163 13.53 -12.04 17.92
C TYR A 163 14.61 -12.87 17.23
N HIS A 164 15.52 -13.38 18.04
CA HIS A 164 16.32 -14.54 17.69
C HIS A 164 15.73 -15.71 18.47
N LEU A 165 15.45 -16.83 17.80
CA LEU A 165 14.75 -17.90 18.51
C LEU A 165 15.28 -19.27 18.10
N ASP A 166 14.99 -20.25 18.95
CA ASP A 166 15.26 -21.66 18.59
C ASP A 166 14.05 -22.15 17.82
N ALA A 167 14.22 -22.45 16.52
CA ALA A 167 13.08 -22.80 15.67
C ALA A 167 12.43 -24.12 16.06
N GLY A 168 13.23 -25.09 16.52
CA GLY A 168 12.64 -26.36 16.92
C GLY A 168 11.79 -26.20 18.16
N LEU A 169 12.30 -25.43 19.14
CA LEU A 169 11.49 -25.15 20.33
C LEU A 169 10.27 -24.34 19.97
N TYR A 170 10.37 -23.43 19.00
CA TYR A 170 9.21 -22.65 18.59
C TYR A 170 8.13 -23.55 17.99
N ALA A 171 8.53 -24.46 17.09
CA ALA A 171 7.57 -25.42 16.55
C ALA A 171 6.91 -26.26 17.63
N ARG A 172 7.67 -26.67 18.66
CA ARG A 172 7.11 -27.46 19.75
CA ARG A 172 7.08 -27.48 19.74
C ARG A 172 6.10 -26.65 20.56
N PHE A 173 6.42 -25.36 20.78
CA PHE A 173 5.52 -24.45 21.47
C PHE A 173 4.22 -24.29 20.69
N LEU A 174 4.33 -24.14 19.37
CA LEU A 174 3.12 -24.00 18.56
C LEU A 174 2.34 -25.30 18.48
N ARG A 175 3.02 -26.44 18.56
CA ARG A 175 2.30 -27.71 18.58
C ARG A 175 1.43 -27.79 19.82
N ARG A 176 1.99 -27.42 20.97
CA ARG A 176 1.21 -27.42 22.22
C ARG A 176 0.02 -26.49 22.11
N PHE A 177 0.26 -25.28 21.62
CA PHE A 177 -0.83 -24.32 21.38
C PHE A 177 -1.92 -24.92 20.48
N SER A 178 -1.52 -25.54 19.37
CA SER A 178 -2.44 -26.08 18.38
C SER A 178 -3.26 -27.25 18.92
N GLU A 179 -2.62 -28.17 19.62
CA GLU A 179 -3.36 -29.30 20.16
C GLU A 179 -4.44 -28.82 21.11
N GLY A 180 -4.19 -27.70 21.80
CA GLY A 180 -5.17 -27.08 22.68
C GLY A 180 -6.41 -26.57 21.99
N PHE A 181 -6.30 -26.23 20.72
CA PHE A 181 -7.46 -25.85 19.93
C PHE A 181 -8.00 -27.01 19.09
N GLY A 182 -7.57 -28.24 19.38
CA GLY A 182 -8.17 -29.43 18.80
C GLY A 182 -7.50 -30.03 17.58
N VAL A 183 -6.29 -29.58 17.20
CA VAL A 183 -5.61 -30.17 16.05
C VAL A 183 -5.26 -31.61 16.38
N GLN A 184 -5.54 -32.51 15.44
CA GLN A 184 -5.24 -33.92 15.59
C GLN A 184 -3.88 -34.18 14.94
N ARG A 185 -2.91 -34.65 15.71
CA ARG A 185 -1.58 -34.97 15.18
C ARG A 185 -1.52 -36.46 14.85
N ILE A 186 -1.07 -36.79 13.65
CA ILE A 186 -0.83 -38.18 13.25
C ILE A 186 0.65 -38.32 12.91
N GLU A 187 1.35 -39.18 13.63
CA GLU A 187 2.79 -39.38 13.40
C GLU A 187 2.95 -40.43 12.31
N GLY A 188 3.81 -40.15 11.34
CA GLY A 188 4.04 -41.14 10.32
C GLY A 188 4.58 -40.54 9.05
N ARG A 189 4.76 -41.41 8.07
CA ARG A 189 5.29 -41.01 6.78
C ARG A 189 4.27 -41.23 5.69
N ILE A 190 4.16 -40.25 4.82
CA ILE A 190 3.22 -40.30 3.72
C ILE A 190 3.81 -41.24 2.65
N GLY A 191 3.07 -42.30 2.33
CA GLY A 191 3.49 -43.23 1.30
C GLY A 191 2.95 -42.90 -0.09
N SER A 192 1.75 -42.34 -0.17
CA SER A 192 1.20 -41.94 -1.46
C SER A 192 0.15 -40.84 -1.26
N VAL A 193 -0.11 -40.11 -2.34
CA VAL A 193 -1.12 -39.07 -2.38
C VAL A 193 -2.15 -39.46 -3.44
N GLN A 194 -3.42 -39.49 -3.04
CA GLN A 194 -4.52 -39.85 -3.94
C GLN A 194 -5.19 -38.59 -4.44
N THR A 195 -5.49 -38.57 -5.73
CA THR A 195 -6.14 -37.43 -6.33
C THR A 195 -7.49 -37.87 -6.87
N ASP A 196 -8.36 -36.88 -7.09
CA ASP A 196 -9.67 -37.16 -7.65
C ASP A 196 -9.53 -37.42 -9.13
N ALA A 197 -10.22 -38.45 -9.62
CA ALA A 197 -10.04 -38.85 -11.01
C ALA A 197 -10.50 -37.76 -11.98
N HIS A 198 -11.53 -37.01 -11.63
CA HIS A 198 -12.06 -36.03 -12.57
C HIS A 198 -11.41 -34.65 -12.43
N SER A 199 -11.20 -34.16 -11.20
CA SER A 199 -10.74 -32.79 -10.99
C SER A 199 -9.22 -32.68 -10.88
N GLY A 200 -8.56 -33.76 -10.53
CA GLY A 200 -7.17 -33.65 -10.17
C GLY A 200 -6.94 -33.14 -8.76
N ASP A 201 -7.99 -32.77 -8.02
CA ASP A 201 -7.79 -32.31 -6.65
C ASP A 201 -7.16 -33.40 -5.81
N ILE A 202 -6.43 -32.99 -4.76
CA ILE A 202 -5.97 -33.98 -3.79
C ILE A 202 -7.18 -34.53 -3.03
N ALA A 203 -7.24 -35.86 -2.90
CA ALA A 203 -8.33 -36.51 -2.16
C ALA A 203 -7.94 -36.99 -0.77
N ALA A 204 -6.73 -37.53 -0.61
CA ALA A 204 -6.33 -38.11 0.67
C ALA A 204 -4.84 -38.35 0.66
N LEU A 205 -4.28 -38.44 1.86
CA LEU A 205 -2.93 -38.94 2.02
C LEU A 205 -3.02 -40.38 2.51
N VAL A 206 -2.07 -41.20 2.09
CA VAL A 206 -1.97 -42.57 2.56
C VAL A 206 -0.61 -42.75 3.22
N LEU A 207 -0.60 -43.12 4.51
CA LEU A 207 0.64 -43.29 5.25
C LEU A 207 1.26 -44.65 4.97
N ASP A 208 2.49 -44.83 5.45
CA ASP A 208 3.20 -46.08 5.20
C ASP A 208 2.52 -47.28 5.84
N ASP A 209 1.64 -47.06 6.81
CA ASP A 209 0.91 -48.15 7.45
C ASP A 209 -0.47 -48.35 6.88
N GLY A 210 -0.80 -47.65 5.79
CA GLY A 210 -2.10 -47.79 5.18
C GLY A 210 -3.14 -46.81 5.67
N THR A 211 -2.81 -45.96 6.63
CA THR A 211 -3.80 -45.03 7.15
C THR A 211 -4.15 -44.03 6.05
N ARG A 212 -5.44 -43.92 5.75
CA ARG A 212 -5.95 -42.98 4.76
C ARG A 212 -6.51 -41.75 5.46
N ILE A 213 -5.98 -40.57 5.13
CA ILE A 213 -6.45 -39.31 5.71
C ILE A 213 -7.08 -38.48 4.59
N GLU A 214 -8.40 -38.35 4.64
CA GLU A 214 -9.14 -37.57 3.66
C GLU A 214 -9.15 -36.11 4.07
N GLY A 215 -9.31 -35.22 3.10
CA GLY A 215 -9.47 -33.82 3.43
C GLY A 215 -10.05 -33.04 2.27
N ASP A 216 -10.41 -31.80 2.56
CA ASP A 216 -10.94 -30.88 1.56
C ASP A 216 -9.90 -29.88 1.09
N LEU A 217 -9.02 -29.47 1.97
CA LEU A 217 -7.98 -28.49 1.68
C LEU A 217 -6.72 -29.05 2.31
N PHE A 218 -5.62 -28.98 1.58
CA PHE A 218 -4.36 -29.57 2.01
C PHE A 218 -3.33 -28.47 2.04
N LEU A 219 -2.59 -28.38 3.13
CA LEU A 219 -1.46 -27.43 3.18
C LEU A 219 -0.16 -28.21 3.03
N ASP A 220 0.65 -27.85 2.02
CA ASP A 220 1.92 -28.55 1.80
C ASP A 220 3.02 -27.85 2.58
N CYS A 221 3.35 -28.43 3.74
CA CYS A 221 4.46 -27.98 4.58
C CYS A 221 5.58 -29.01 4.60
N THR A 222 5.79 -29.71 3.48
CA THR A 222 6.75 -30.80 3.48
C THR A 222 8.14 -30.35 3.07
N GLY A 223 8.35 -29.04 2.87
CA GLY A 223 9.72 -28.55 2.68
C GLY A 223 10.12 -28.75 1.21
N PHE A 224 11.41 -29.01 1.02
CA PHE A 224 11.91 -29.26 -0.32
C PHE A 224 11.34 -30.54 -0.91
N ARG A 225 10.74 -31.40 -0.07
CA ARG A 225 10.11 -32.59 -0.67
C ARG A 225 8.91 -32.20 -1.51
N ALA A 226 8.22 -31.13 -1.13
CA ALA A 226 7.04 -30.64 -1.86
C ALA A 226 6.18 -31.80 -2.36
N LEU A 227 5.83 -32.67 -1.44
CA LEU A 227 5.11 -33.89 -1.82
C LEU A 227 3.80 -33.61 -2.53
N LEU A 228 3.10 -32.54 -2.13
CA LEU A 228 1.81 -32.25 -2.74
C LEU A 228 1.91 -31.27 -3.91
N ILE A 229 2.46 -30.07 -3.67
CA ILE A 229 2.44 -29.04 -4.68
C ILE A 229 3.38 -29.40 -5.82
N GLY A 230 4.44 -30.15 -5.50
CA GLY A 230 5.43 -30.52 -6.49
C GLY A 230 5.29 -31.92 -7.02
N GLN A 231 5.45 -32.91 -6.16
CA GLN A 231 5.51 -34.29 -6.65
C GLN A 231 4.17 -34.76 -7.18
N THR A 232 3.07 -34.25 -6.63
CA THR A 232 1.73 -34.68 -7.04
C THR A 232 1.13 -33.74 -8.08
N LEU A 233 1.05 -32.45 -7.76
CA LEU A 233 0.39 -31.52 -8.67
C LEU A 233 1.32 -30.94 -9.74
N GLY A 234 2.63 -31.14 -9.62
CA GLY A 234 3.52 -30.76 -10.71
C GLY A 234 3.69 -29.28 -10.95
N VAL A 235 3.51 -28.45 -9.93
CA VAL A 235 3.71 -27.01 -10.09
C VAL A 235 5.22 -26.78 -10.08
N GLY A 236 5.74 -26.20 -11.14
CA GLY A 236 7.16 -25.91 -11.20
C GLY A 236 7.50 -24.66 -10.41
N SER A 237 8.80 -24.30 -10.43
CA SER A 237 9.25 -23.09 -9.76
CA SER A 237 9.27 -23.10 -9.75
C SER A 237 10.13 -22.25 -10.68
N GLU A 238 10.16 -20.94 -10.39
CA GLU A 238 10.92 -19.96 -11.17
C GLU A 238 12.34 -19.99 -10.63
N ASP A 239 13.31 -20.10 -11.54
CA ASP A 239 14.72 -20.21 -11.16
C ASP A 239 15.31 -18.81 -11.01
N TRP A 240 15.83 -18.50 -9.81
CA TRP A 240 16.42 -17.19 -9.58
C TRP A 240 17.93 -17.28 -9.48
N SER A 241 18.52 -18.43 -9.83
CA SER A 241 19.98 -18.59 -9.69
C SER A 241 20.77 -17.72 -10.67
N ARG A 242 20.15 -17.16 -11.72
CA ARG A 242 20.87 -16.18 -12.54
C ARG A 242 21.23 -14.92 -11.77
N TRP A 243 20.52 -14.63 -10.65
CA TRP A 243 20.80 -13.43 -9.86
C TRP A 243 21.39 -13.74 -8.49
N LEU A 244 21.18 -14.95 -7.98
CA LEU A 244 21.50 -15.29 -6.60
C LEU A 244 22.25 -16.60 -6.63
N PHE A 245 23.55 -16.58 -6.27
CA PHE A 245 24.42 -17.71 -6.53
C PHE A 245 24.56 -18.69 -5.37
N ALA A 246 24.18 -18.33 -4.15
CA ALA A 246 24.31 -19.26 -3.02
C ALA A 246 23.38 -20.46 -3.17
N ASP A 247 23.88 -21.63 -2.78
CA ASP A 247 23.09 -22.85 -2.88
C ASP A 247 23.47 -23.85 -1.80
N SER A 248 24.30 -23.45 -0.82
CA SER A 248 24.82 -24.37 0.17
C SER A 248 24.97 -23.64 1.50
N ALA A 249 24.89 -24.39 2.59
CA ALA A 249 25.25 -23.80 3.88
C ALA A 249 25.85 -24.88 4.77
N LEU A 250 26.65 -24.42 5.74
CA LEU A 250 27.09 -25.25 6.85
C LEU A 250 26.69 -24.53 8.13
N ALA A 251 26.08 -25.25 9.09
CA ALA A 251 25.58 -24.57 10.28
C ALA A 251 26.13 -25.24 11.54
N VAL A 252 26.40 -24.45 12.57
CA VAL A 252 26.97 -25.00 13.81
C VAL A 252 26.63 -24.08 14.97
N GLN A 253 26.34 -24.67 16.13
CA GLN A 253 26.10 -23.90 17.33
C GLN A 253 27.38 -23.79 18.15
N THR A 254 27.55 -22.67 18.82
CA THR A 254 28.71 -22.50 19.69
C THR A 254 28.26 -22.02 21.05
N GLU A 255 29.11 -22.21 22.06
CA GLU A 255 28.75 -21.63 23.34
C GLU A 255 28.84 -20.09 23.29
N SER A 256 28.05 -19.46 24.15
CA SER A 256 28.15 -18.02 24.32
CA SER A 256 28.16 -18.01 24.32
C SER A 256 29.50 -17.66 24.95
N VAL A 257 30.07 -16.54 24.51
CA VAL A 257 31.31 -16.04 25.06
C VAL A 257 31.13 -14.68 25.73
N GLY A 258 29.90 -14.25 25.89
CA GLY A 258 29.62 -12.94 26.45
C GLY A 258 28.14 -12.70 26.41
N ALA A 259 27.75 -11.51 26.83
CA ALA A 259 26.36 -11.14 26.84
C ALA A 259 25.80 -11.15 25.41
N PRO A 260 24.53 -11.49 25.25
CA PRO A 260 23.97 -11.56 23.90
C PRO A 260 23.81 -10.17 23.29
N VAL A 261 24.35 -10.00 22.08
CA VAL A 261 24.12 -8.75 21.35
C VAL A 261 22.67 -8.65 20.90
N THR A 262 22.28 -7.47 20.40
CA THR A 262 20.91 -7.21 19.97
C THR A 262 20.76 -7.24 18.45
N PHE A 263 21.73 -7.77 17.73
CA PHE A 263 21.68 -7.81 16.28
C PHE A 263 22.07 -9.19 15.79
N THR A 264 21.61 -9.51 14.59
CA THR A 264 22.11 -10.64 13.81
C THR A 264 23.32 -10.14 13.04
N ARG A 265 24.36 -10.95 12.96
CA ARG A 265 25.53 -10.56 12.17
C ARG A 265 25.52 -11.27 10.83
N ALA A 266 25.76 -10.50 9.75
CA ALA A 266 25.86 -11.03 8.39
C ALA A 266 27.22 -10.62 7.84
N ARG A 267 28.20 -11.53 7.90
CA ARG A 267 29.59 -11.17 7.60
C ARG A 267 29.96 -11.76 6.24
N ALA A 268 30.14 -10.89 5.25
CA ALA A 268 30.51 -11.36 3.92
C ALA A 268 31.95 -11.85 3.89
N ASP A 269 32.20 -12.86 3.03
CA ASP A 269 33.55 -13.40 2.85
C ASP A 269 33.84 -13.40 1.35
N ARG A 270 34.62 -14.37 0.86
CA ARG A 270 35.06 -14.32 -0.55
C ARG A 270 33.98 -14.78 -1.52
N ALA A 271 33.15 -15.74 -1.12
CA ALA A 271 32.18 -16.35 -2.03
C ALA A 271 30.90 -16.73 -1.26
N GLY A 272 30.56 -15.90 -0.29
CA GLY A 272 29.38 -16.15 0.53
C GLY A 272 29.44 -15.27 1.75
N TRP A 273 28.69 -15.67 2.79
CA TRP A 273 28.60 -14.85 3.97
C TRP A 273 28.23 -15.74 5.16
N MET A 274 28.46 -15.20 6.38
CA MET A 274 28.25 -15.99 7.59
C MET A 274 27.23 -15.31 8.48
N TRP A 275 26.33 -16.08 9.08
CA TRP A 275 25.47 -15.52 10.12
C TRP A 275 25.98 -15.86 11.51
N ARG A 276 25.64 -14.98 12.45
CA ARG A 276 25.86 -15.21 13.88
C ARG A 276 24.64 -14.69 14.61
N ILE A 277 23.95 -15.56 15.36
CA ILE A 277 22.64 -15.26 15.93
C ILE A 277 22.66 -15.60 17.42
N PRO A 278 22.45 -14.63 18.34
CA PRO A 278 22.53 -14.95 19.76
C PRO A 278 21.22 -15.48 20.33
N LEU A 279 21.29 -16.61 21.03
CA LEU A 279 20.18 -17.12 21.85
C LEU A 279 20.56 -16.91 23.32
N GLN A 280 19.65 -17.27 24.23
CA GLN A 280 19.93 -16.93 25.63
C GLN A 280 21.14 -17.66 26.20
N HIS A 281 21.43 -18.88 25.71
CA HIS A 281 22.51 -19.67 26.30
C HIS A 281 23.40 -20.32 25.28
N ARG A 282 23.32 -19.91 24.01
CA ARG A 282 24.21 -20.40 22.97
C ARG A 282 24.14 -19.42 21.81
N VAL A 283 24.93 -19.70 20.77
CA VAL A 283 24.99 -18.86 19.59
C VAL A 283 24.85 -19.72 18.35
N GLY A 284 24.00 -19.31 17.40
CA GLY A 284 23.89 -19.98 16.12
C GLY A 284 24.82 -19.36 15.10
N ASN A 285 25.47 -20.23 14.30
CA ASN A 285 26.41 -19.78 13.28
C ASN A 285 26.15 -20.55 11.99
N GLY A 286 26.49 -19.94 10.87
CA GLY A 286 26.46 -20.70 9.62
C GLY A 286 27.18 -19.93 8.53
N ILE A 287 27.57 -20.65 7.47
CA ILE A 287 28.14 -19.99 6.30
C ILE A 287 27.26 -20.36 5.13
N VAL A 288 26.88 -19.37 4.35
CA VAL A 288 26.05 -19.51 3.18
C VAL A 288 26.96 -19.29 1.99
N TYR A 289 27.01 -20.21 1.04
CA TYR A 289 27.99 -20.04 -0.02
C TYR A 289 27.50 -20.69 -1.32
N SER A 290 28.26 -20.46 -2.39
CA SER A 290 27.92 -20.96 -3.72
C SER A 290 28.88 -22.08 -4.10
N SER A 291 28.32 -23.26 -4.37
CA SER A 291 29.09 -24.42 -4.78
C SER A 291 29.77 -24.21 -6.13
N ARG A 292 29.32 -23.23 -6.89
CA ARG A 292 29.94 -22.92 -8.17
C ARG A 292 31.20 -22.08 -8.01
N TYR A 293 31.44 -21.52 -6.82
CA TYR A 293 32.60 -20.68 -6.58
C TYR A 293 33.54 -21.20 -5.52
N THR A 294 33.11 -22.15 -4.71
CA THR A 294 33.97 -22.68 -3.65
C THR A 294 33.46 -24.07 -3.30
N ASP A 295 34.20 -24.77 -2.45
CA ASP A 295 33.80 -26.12 -2.06
C ASP A 295 33.54 -26.18 -0.56
N GLN A 296 32.92 -27.29 -0.13
CA GLN A 296 32.51 -27.41 1.27
C GLN A 296 33.69 -27.33 2.22
N ASP A 297 34.79 -28.01 1.90
CA ASP A 297 35.96 -27.97 2.77
C ASP A 297 36.46 -26.54 2.99
N SER A 298 36.50 -25.72 1.92
CA SER A 298 36.97 -24.35 2.06
C SER A 298 35.97 -23.54 2.88
N ALA A 299 34.67 -23.77 2.65
CA ALA A 299 33.66 -23.04 3.43
C ALA A 299 33.75 -23.41 4.91
N ALA A 300 33.98 -24.69 5.20
CA ALA A 300 34.13 -25.14 6.58
C ALA A 300 35.31 -24.46 7.26
N GLN A 301 36.43 -24.32 6.55
CA GLN A 301 37.60 -23.63 7.10
C GLN A 301 37.29 -22.18 7.44
N VAL A 302 36.62 -21.48 6.52
CA VAL A 302 36.27 -20.09 6.79
C VAL A 302 35.37 -19.98 8.02
N LEU A 303 34.35 -20.83 8.08
CA LEU A 303 33.45 -20.79 9.22
C LEU A 303 34.21 -21.04 10.52
N GLU A 304 35.03 -22.10 10.55
CA GLU A 304 35.81 -22.40 11.75
C GLU A 304 36.66 -21.21 12.16
N HIS A 305 37.29 -20.54 11.19
CA HIS A 305 38.16 -19.41 11.49
C HIS A 305 37.41 -18.27 12.17
N ASN A 306 36.12 -18.12 11.87
CA ASN A 306 35.35 -17.02 12.41
C ASN A 306 34.59 -17.36 13.69
N LEU A 307 34.57 -18.63 14.10
CA LEU A 307 33.80 -19.01 15.29
C LEU A 307 34.46 -18.46 16.54
N GLN A 308 33.63 -18.10 17.51
CA GLN A 308 34.04 -17.81 18.87
C GLN A 308 33.39 -18.84 19.79
N GLY A 309 34.17 -19.36 20.72
CA GLY A 309 33.68 -20.37 21.64
C GLY A 309 33.73 -21.77 21.07
N ARG A 310 33.62 -22.74 21.95
CA ARG A 310 33.64 -24.13 21.48
C ARG A 310 32.34 -24.47 20.75
N ALA A 311 32.45 -25.34 19.77
CA ALA A 311 31.27 -25.85 19.09
C ALA A 311 30.46 -26.76 20.01
N LEU A 312 29.13 -26.63 19.94
CA LEU A 312 28.19 -27.42 20.72
C LEU A 312 27.54 -28.50 19.89
N THR A 313 27.66 -28.42 18.56
CA THR A 313 27.08 -29.40 17.63
C THR A 313 28.12 -29.73 16.57
N THR A 314 27.91 -30.85 15.89
CA THR A 314 28.69 -31.12 14.68
C THR A 314 28.09 -30.33 13.51
N PRO A 315 28.92 -29.67 12.69
CA PRO A 315 28.36 -28.85 11.61
C PRO A 315 27.49 -29.70 10.69
N ARG A 316 26.37 -29.12 10.30
CA ARG A 316 25.38 -29.74 9.44
C ARG A 316 25.41 -29.06 8.08
N ALA A 317 25.40 -29.86 7.02
CA ALA A 317 25.42 -29.33 5.65
C ALA A 317 24.01 -29.26 5.08
N LEU A 318 23.73 -28.17 4.39
CA LEU A 318 22.40 -27.89 3.86
C LEU A 318 22.54 -27.48 2.41
N ARG A 319 21.52 -27.80 1.60
CA ARG A 319 21.44 -27.37 0.21
C ARG A 319 20.12 -26.65 -0.02
N PHE A 320 20.13 -25.72 -0.98
CA PHE A 320 18.90 -24.97 -1.28
C PHE A 320 19.13 -24.26 -2.60
N THR A 321 18.07 -23.65 -3.13
CA THR A 321 18.21 -22.86 -4.35
C THR A 321 17.15 -21.75 -4.31
N PRO A 322 17.51 -20.54 -4.75
CA PRO A 322 16.58 -19.40 -4.70
C PRO A 322 15.51 -19.55 -5.76
N ASN A 323 14.25 -19.49 -5.35
CA ASN A 323 13.16 -19.80 -6.25
C ASN A 323 11.80 -19.37 -5.68
N GLN A 324 10.81 -19.34 -6.56
CA GLN A 324 9.41 -19.21 -6.14
CA GLN A 324 9.44 -19.25 -6.12
C GLN A 324 8.59 -20.21 -6.93
N ARG A 325 7.73 -20.94 -6.24
CA ARG A 325 6.76 -21.81 -6.89
C ARG A 325 5.92 -20.95 -7.83
N HIS A 326 5.64 -21.45 -9.05
CA HIS A 326 4.91 -20.62 -10.00
C HIS A 326 3.55 -20.23 -9.48
N ARG A 327 2.85 -21.16 -8.83
CA ARG A 327 1.61 -20.86 -8.15
C ARG A 327 1.71 -21.47 -6.76
N VAL A 328 1.37 -20.71 -5.73
CA VAL A 328 1.46 -21.30 -4.40
C VAL A 328 0.16 -21.97 -3.99
N TRP A 329 -0.95 -21.60 -4.62
CA TRP A 329 -2.23 -22.26 -4.40
C TRP A 329 -2.62 -22.89 -5.72
N GLU A 330 -2.72 -24.22 -5.73
CA GLU A 330 -3.07 -24.96 -6.95
C GLU A 330 -4.18 -25.91 -6.55
N LYS A 331 -5.33 -25.82 -7.24
CA LYS A 331 -6.49 -26.67 -6.90
C LYS A 331 -6.78 -26.53 -5.41
N ASN A 332 -6.79 -27.63 -4.65
CA ASN A 332 -7.11 -27.56 -3.23
C ASN A 332 -5.86 -27.73 -2.35
N CYS A 333 -4.72 -27.24 -2.83
CA CYS A 333 -3.45 -27.33 -2.12
C CYS A 333 -2.80 -25.95 -2.01
N VAL A 334 -2.41 -25.56 -0.80
CA VAL A 334 -1.67 -24.32 -0.57
C VAL A 334 -0.29 -24.70 -0.05
N ALA A 335 0.77 -24.28 -0.76
CA ALA A 335 2.12 -24.52 -0.27
C ALA A 335 2.58 -23.40 0.67
N LEU A 336 3.30 -23.79 1.73
CA LEU A 336 3.88 -22.84 2.67
C LEU A 336 5.34 -23.17 2.96
N GLY A 337 6.12 -22.16 3.33
CA GLY A 337 7.51 -22.43 3.68
C GLY A 337 8.32 -22.88 2.48
N LEU A 338 9.26 -23.80 2.71
CA LEU A 338 10.16 -24.21 1.62
C LEU A 338 9.41 -24.77 0.42
N ALA A 339 8.26 -25.41 0.65
CA ALA A 339 7.52 -25.91 -0.50
C ALA A 339 7.06 -24.81 -1.44
N SER A 340 6.94 -23.57 -0.93
CA SER A 340 6.45 -22.48 -1.77
CA SER A 340 6.45 -22.43 -1.72
C SER A 340 7.58 -21.63 -2.36
N GLY A 341 8.80 -21.81 -1.90
CA GLY A 341 9.92 -21.03 -2.40
C GLY A 341 11.03 -20.94 -1.37
N PHE A 342 12.13 -20.30 -1.78
CA PHE A 342 13.25 -20.11 -0.87
C PHE A 342 14.06 -18.88 -1.25
N LEU A 343 14.39 -18.07 -0.24
CA LEU A 343 15.46 -17.08 -0.33
C LEU A 343 16.38 -17.27 0.86
N GLU A 344 17.68 -17.05 0.64
CA GLU A 344 18.64 -17.19 1.73
C GLU A 344 18.34 -16.23 2.90
N PRO A 345 18.82 -16.56 4.14
CA PRO A 345 18.36 -15.80 5.33
C PRO A 345 19.08 -14.49 5.56
N ILE A 346 19.49 -13.82 4.48
CA ILE A 346 20.27 -12.61 4.59
C ILE A 346 19.48 -11.47 5.22
N GLU A 347 18.14 -11.47 5.06
CA GLU A 347 17.29 -10.48 5.70
C GLU A 347 16.22 -11.15 6.58
N SER A 348 16.48 -12.37 7.05
CA SER A 348 15.64 -13.02 8.06
C SER A 348 14.18 -13.07 7.64
N THR A 349 13.91 -13.54 6.42
CA THR A 349 12.55 -13.55 5.87
C THR A 349 11.87 -14.92 5.90
N ASN A 350 12.51 -16.00 6.35
CA ASN A 350 11.90 -17.34 6.20
C ASN A 350 10.59 -17.46 6.98
N ILE A 351 10.63 -17.19 8.28
CA ILE A 351 9.41 -17.30 9.08
C ILE A 351 8.35 -16.30 8.65
N HIS A 352 8.77 -15.11 8.22
CA HIS A 352 7.84 -14.10 7.71
C HIS A 352 7.07 -14.63 6.51
N LEU A 353 7.76 -15.31 5.59
CA LEU A 353 7.08 -15.79 4.41
C LEU A 353 6.09 -16.90 4.74
N ILE A 354 6.39 -17.73 5.75
CA ILE A 354 5.39 -18.68 6.25
C ILE A 354 4.18 -17.93 6.79
N GLN A 355 4.43 -16.94 7.66
CA GLN A 355 3.34 -16.18 8.27
C GLN A 355 2.48 -15.52 7.21
N ARG A 356 3.12 -14.91 6.19
CA ARG A 356 2.31 -14.25 5.14
C ARG A 356 1.41 -15.25 4.43
N GLY A 357 1.93 -16.43 4.10
CA GLY A 357 1.11 -17.41 3.43
C GLY A 357 -0.08 -17.82 4.28
N ILE A 358 0.14 -17.94 5.59
CA ILE A 358 -0.93 -18.35 6.51
C ILE A 358 -1.96 -17.24 6.68
N VAL A 359 -1.48 -16.04 7.00
CA VAL A 359 -2.37 -14.91 7.23
C VAL A 359 -3.17 -14.61 5.97
N ARG A 360 -2.53 -14.67 4.80
CA ARG A 360 -3.25 -14.42 3.57
C ARG A 360 -4.32 -15.48 3.35
N LEU A 361 -4.00 -16.75 3.67
CA LEU A 361 -4.99 -17.82 3.54
C LEU A 361 -6.17 -17.58 4.45
N LEU A 362 -5.89 -17.20 5.72
CA LEU A 362 -7.00 -16.97 6.64
C LEU A 362 -7.85 -15.78 6.19
N GLN A 363 -7.23 -14.77 5.59
CA GLN A 363 -8.01 -13.64 5.08
C GLN A 363 -8.82 -13.97 3.84
N THR A 364 -8.54 -15.09 3.18
CA THR A 364 -9.34 -15.51 2.03
CA THR A 364 -9.26 -15.55 2.00
C THR A 364 -9.86 -16.94 2.23
N PHE A 365 -10.15 -17.29 3.50
CA PHE A 365 -10.37 -18.69 3.79
C PHE A 365 -11.64 -19.19 3.08
N PRO A 366 -11.59 -20.33 2.41
CA PRO A 366 -12.72 -20.72 1.55
C PRO A 366 -13.86 -21.30 2.37
N GLN A 367 -15.08 -20.85 2.08
CA GLN A 367 -16.24 -21.74 2.25
C GLN A 367 -16.21 -22.84 1.20
N VAL A 368 -16.06 -22.46 -0.05
CA VAL A 368 -15.81 -23.37 -1.16
C VAL A 368 -14.60 -22.81 -1.89
N ILE A 369 -13.81 -23.70 -2.48
CA ILE A 369 -12.61 -23.26 -3.21
C ILE A 369 -13.04 -22.78 -4.58
N ASP A 370 -12.58 -21.59 -4.97
CA ASP A 370 -12.98 -21.00 -6.26
C ASP A 370 -11.76 -20.44 -6.98
N PRO A 371 -11.70 -20.55 -8.31
CA PRO A 371 -10.56 -19.97 -9.04
C PRO A 371 -10.31 -18.51 -8.80
N VAL A 372 -11.32 -17.66 -8.57
CA VAL A 372 -11.00 -16.23 -8.44
C VAL A 372 -10.25 -15.99 -7.13
N ASP A 373 -10.58 -16.73 -6.08
CA ASP A 373 -9.85 -16.62 -4.82
C ASP A 373 -8.42 -17.14 -4.98
N ILE A 374 -8.25 -18.28 -5.66
CA ILE A 374 -6.92 -18.84 -5.90
C ILE A 374 -6.07 -17.84 -6.67
N ALA A 375 -6.67 -17.24 -7.71
CA ALA A 375 -5.92 -16.31 -8.55
C ALA A 375 -5.46 -15.08 -7.78
N GLU A 376 -6.33 -14.53 -6.93
CA GLU A 376 -5.96 -13.37 -6.13
C GLU A 376 -4.85 -13.73 -5.15
N TYR A 377 -4.97 -14.91 -4.52
CA TYR A 377 -3.96 -15.35 -3.57
C TYR A 377 -2.60 -15.45 -4.24
N ASN A 378 -2.55 -16.10 -5.41
CA ASN A 378 -1.29 -16.30 -6.11
C ASN A 378 -0.70 -14.97 -6.55
N ARG A 379 -1.56 -14.04 -6.99
CA ARG A 379 -1.06 -12.74 -7.45
C ARG A 379 -0.37 -11.98 -6.32
N GLN A 380 -0.99 -11.95 -5.14
CA GLN A 380 -0.41 -11.26 -4.00
C GLN A 380 0.88 -11.95 -3.58
N ALA A 381 0.88 -13.27 -3.56
CA ALA A 381 2.10 -13.99 -3.16
C ALA A 381 3.25 -13.67 -4.11
N ALA A 382 2.97 -13.68 -5.41
CA ALA A 382 4.01 -13.44 -6.41
C ALA A 382 4.57 -12.02 -6.28
N GLU A 383 3.71 -11.04 -6.09
CA GLU A 383 4.19 -9.65 -5.96
C GLU A 383 5.03 -9.50 -4.70
N GLU A 384 4.60 -10.09 -3.59
CA GLU A 384 5.34 -9.91 -2.35
C GLU A 384 6.72 -10.56 -2.42
N ILE A 385 6.82 -11.75 -3.01
CA ILE A 385 8.09 -12.46 -2.98
C ILE A 385 9.07 -11.81 -3.95
N ALA A 386 8.58 -11.31 -5.08
CA ALA A 386 9.48 -10.69 -6.05
C ALA A 386 10.11 -9.46 -5.45
N HIS A 387 9.35 -8.73 -4.63
CA HIS A 387 9.91 -7.56 -3.96
C HIS A 387 11.01 -7.95 -2.97
N ILE A 388 10.79 -9.02 -2.20
CA ILE A 388 11.84 -9.46 -1.28
C ILE A 388 13.04 -9.97 -2.06
N ARG A 389 12.80 -10.73 -3.13
CA ARG A 389 13.88 -11.20 -4.02
C ARG A 389 14.77 -10.04 -4.45
N ASP A 390 14.14 -8.93 -4.88
CA ASP A 390 14.93 -7.80 -5.38
C ASP A 390 15.82 -7.23 -4.29
N PHE A 391 15.31 -7.21 -3.04
CA PHE A 391 16.09 -6.66 -1.95
C PHE A 391 17.27 -7.55 -1.61
N VAL A 392 17.09 -8.88 -1.71
CA VAL A 392 18.20 -9.80 -1.50
C VAL A 392 19.24 -9.61 -2.59
N ILE A 393 18.78 -9.48 -3.85
CA ILE A 393 19.72 -9.22 -4.95
C ILE A 393 20.50 -7.94 -4.72
N LEU A 394 19.83 -6.90 -4.21
CA LEU A 394 20.49 -5.65 -3.92
C LEU A 394 21.74 -5.85 -3.05
N HIS A 395 21.68 -6.74 -2.07
CA HIS A 395 22.83 -6.93 -1.18
C HIS A 395 24.08 -7.41 -1.94
N TYR A 396 23.89 -8.23 -2.97
CA TYR A 396 25.02 -8.77 -3.73
C TYR A 396 25.45 -7.82 -4.84
N HIS A 397 24.50 -7.07 -5.44
CA HIS A 397 24.82 -6.26 -6.62
C HIS A 397 25.40 -4.92 -6.26
N ALA A 398 24.96 -4.32 -5.15
CA ALA A 398 25.47 -3.01 -4.72
C ALA A 398 26.74 -3.24 -3.90
N THR A 399 27.90 -3.23 -4.57
CA THR A 399 29.13 -3.50 -3.83
C THR A 399 30.28 -2.84 -4.57
N ASP A 400 31.27 -2.38 -3.81
CA ASP A 400 32.55 -1.93 -4.36
C ASP A 400 33.52 -3.09 -4.58
N ARG A 401 33.20 -4.27 -4.10
CA ARG A 401 34.15 -5.38 -4.12
C ARG A 401 34.41 -5.87 -5.54
N ARG A 402 35.69 -6.02 -5.87
CA ARG A 402 36.12 -6.69 -7.10
C ARG A 402 37.23 -7.68 -6.80
N ASP A 403 37.34 -8.09 -5.54
CA ASP A 403 38.53 -8.83 -5.10
C ASP A 403 38.45 -10.31 -5.33
N THR A 404 37.27 -10.87 -5.69
CA THR A 404 37.16 -12.27 -6.09
C THR A 404 36.27 -12.33 -7.32
N ALA A 405 36.37 -13.43 -8.06
CA ALA A 405 35.51 -13.62 -9.23
C ALA A 405 34.05 -13.59 -8.83
N PHE A 406 33.73 -14.17 -7.66
CA PHE A 406 32.37 -14.13 -7.12
C PHE A 406 31.84 -12.69 -7.02
N TRP A 407 32.62 -11.79 -6.39
CA TRP A 407 32.12 -10.42 -6.27
C TRP A 407 32.10 -9.68 -7.61
N ARG A 408 33.09 -9.92 -8.48
CA ARG A 408 33.04 -9.28 -9.80
C ARG A 408 31.80 -9.72 -10.55
N ASP A 409 31.44 -11.00 -10.43
CA ASP A 409 30.24 -11.49 -11.12
C ASP A 409 28.98 -10.88 -10.51
N CYS A 410 28.93 -10.77 -9.18
CA CYS A 410 27.75 -10.14 -8.56
C CYS A 410 27.60 -8.69 -9.00
N ALA A 411 28.72 -7.97 -9.10
N ALA A 411 28.72 -7.97 -9.10
CA ALA A 411 28.66 -6.55 -9.44
CA ALA A 411 28.66 -6.55 -9.44
C ALA A 411 28.30 -6.33 -10.92
C ALA A 411 28.30 -6.33 -10.92
N SER A 412 28.63 -7.28 -11.78
CA SER A 412 28.50 -7.09 -13.22
C SER A 412 27.29 -7.77 -13.83
N MET A 413 26.60 -8.62 -13.08
CA MET A 413 25.46 -9.39 -13.62
C MET A 413 24.32 -8.47 -14.04
N GLU A 414 23.51 -8.92 -14.99
CA GLU A 414 22.24 -8.26 -15.24
C GLU A 414 21.29 -8.48 -14.06
N ILE A 415 20.42 -7.50 -13.82
CA ILE A 415 19.49 -7.58 -12.68
C ILE A 415 18.07 -7.29 -13.16
N PRO A 416 17.07 -7.66 -12.34
CA PRO A 416 15.68 -7.35 -12.72
C PRO A 416 15.49 -5.85 -12.90
N ASP A 417 14.69 -5.50 -13.92
CA ASP A 417 14.40 -4.10 -14.19
C ASP A 417 13.79 -3.42 -12.97
N SER A 418 13.00 -4.17 -12.20
CA SER A 418 12.34 -3.61 -11.02
C SER A 418 13.38 -3.13 -10.01
N LEU A 419 14.48 -3.89 -9.85
CA LEU A 419 15.53 -3.46 -8.93
C LEU A 419 16.36 -2.33 -9.53
N ARG A 420 16.69 -2.44 -10.83
CA ARG A 420 17.47 -1.40 -11.46
C ARG A 420 16.81 -0.03 -11.30
N HIS A 421 15.49 0.03 -11.50
CA HIS A 421 14.79 1.31 -11.36
C HIS A 421 14.93 1.86 -9.94
N ARG A 422 14.80 1.01 -8.91
CA ARG A 422 14.95 1.50 -7.55
C ARG A 422 16.37 2.00 -7.28
N MET A 423 17.38 1.26 -7.75
CA MET A 423 18.75 1.71 -7.53
C MET A 423 19.06 3.02 -8.25
N GLU A 424 18.56 3.17 -9.49
CA GLU A 424 18.79 4.40 -10.25
CA GLU A 424 18.78 4.39 -10.25
C GLU A 424 18.05 5.58 -9.63
N LEU A 425 16.84 5.38 -9.13
CA LEU A 425 16.15 6.45 -8.44
C LEU A 425 16.97 6.98 -7.27
N PHE A 426 17.55 6.08 -6.48
CA PHE A 426 18.34 6.52 -5.35
C PHE A 426 19.65 7.17 -5.82
N ARG A 427 20.33 6.55 -6.78
CA ARG A 427 21.59 7.10 -7.27
CA ARG A 427 21.59 7.09 -7.29
C ARG A 427 21.41 8.49 -7.87
N GLN A 428 20.28 8.74 -8.54
CA GLN A 428 20.16 10.04 -9.21
CA GLN A 428 20.15 10.03 -9.21
C GLN A 428 19.69 11.13 -8.26
N SER A 429 18.70 10.84 -7.41
CA SER A 429 18.00 11.87 -6.65
CA SER A 429 18.04 11.89 -6.64
C SER A 429 17.83 11.56 -5.16
N GLY A 430 18.39 10.45 -4.67
CA GLY A 430 18.24 10.11 -3.25
C GLY A 430 16.85 9.64 -2.85
N ARG A 431 16.04 9.27 -3.82
CA ARG A 431 14.63 8.95 -3.58
C ARG A 431 14.39 7.45 -3.44
N VAL A 432 13.43 7.12 -2.57
CA VAL A 432 12.95 5.75 -2.35
C VAL A 432 11.43 5.85 -2.21
N PHE A 433 10.74 4.77 -2.51
CA PHE A 433 9.29 4.72 -2.29
CA PHE A 433 9.29 4.72 -2.30
C PHE A 433 8.95 3.35 -1.74
N HIS A 434 7.78 3.26 -1.13
CA HIS A 434 7.27 2.01 -0.64
C HIS A 434 5.94 1.80 -1.32
N GLN A 435 5.72 0.62 -1.86
CA GLN A 435 4.49 0.33 -2.58
C GLN A 435 3.74 -0.82 -1.91
N GLY A 436 2.42 -0.68 -1.80
CA GLY A 436 1.51 -1.74 -1.40
C GLY A 436 1.85 -2.41 -0.08
N ASN A 437 1.98 -3.74 -0.11
CA ASN A 437 2.46 -4.48 1.07
C ASN A 437 3.85 -5.03 0.85
N GLU A 438 4.69 -4.32 0.08
CA GLU A 438 6.10 -4.69 0.05
C GLU A 438 6.61 -4.73 1.48
N LEU A 439 7.46 -5.73 1.76
CA LEU A 439 8.00 -5.87 3.10
C LEU A 439 8.91 -4.70 3.46
N PHE A 440 9.86 -4.35 2.58
CA PHE A 440 10.94 -3.47 3.00
C PHE A 440 10.49 -2.01 2.94
N ALA A 441 10.59 -1.33 4.06
CA ALA A 441 10.19 0.05 4.20
C ALA A 441 11.22 0.98 3.53
N GLU A 442 10.82 2.23 3.34
CA GLU A 442 11.76 3.23 2.84
CA GLU A 442 11.75 3.25 2.86
C GLU A 442 13.06 3.25 3.64
N ASN A 443 12.98 3.17 4.98
CA ASN A 443 14.19 3.18 5.80
C ASN A 443 15.17 2.07 5.39
N SER A 444 14.63 0.90 5.04
CA SER A 444 15.46 -0.24 4.69
C SER A 444 16.20 0.01 3.38
N TRP A 445 15.45 0.45 2.34
CA TRP A 445 16.09 0.79 1.06
C TRP A 445 17.19 1.84 1.26
N ILE A 446 16.92 2.86 2.09
CA ILE A 446 17.90 3.92 2.31
C ILE A 446 19.12 3.38 3.04
N GLN A 447 18.90 2.70 4.17
CA GLN A 447 20.05 2.23 4.94
C GLN A 447 20.92 1.27 4.12
N VAL A 448 20.31 0.35 3.38
CA VAL A 448 21.11 -0.61 2.65
C VAL A 448 21.78 0.03 1.43
N MET A 449 21.07 0.89 0.68
CA MET A 449 21.75 1.49 -0.47
C MET A 449 22.85 2.46 -0.04
N LEU A 450 22.61 3.30 0.98
CA LEU A 450 23.70 4.15 1.45
C LEU A 450 24.83 3.31 2.03
N GLY A 451 24.47 2.29 2.83
CA GLY A 451 25.48 1.46 3.48
C GLY A 451 26.37 0.70 2.51
N GLN A 452 25.81 0.29 1.37
CA GLN A 452 26.55 -0.45 0.37
C GLN A 452 27.07 0.44 -0.75
N GLY A 453 27.07 1.75 -0.56
CA GLY A 453 27.89 2.63 -1.37
C GLY A 453 27.23 3.25 -2.58
N ILE A 454 25.90 3.24 -2.65
CA ILE A 454 25.22 4.03 -3.66
CA ILE A 454 25.22 4.04 -3.67
C ILE A 454 25.18 5.48 -3.17
N VAL A 455 25.77 6.39 -3.96
CA VAL A 455 25.92 7.77 -3.50
C VAL A 455 24.99 8.65 -4.32
N PRO A 456 23.95 9.23 -3.71
CA PRO A 456 23.03 10.09 -4.46
C PRO A 456 23.76 11.28 -5.09
N ARG A 457 23.46 11.52 -6.36
CA ARG A 457 24.04 12.67 -7.06
C ARG A 457 23.34 13.98 -6.71
N HIS A 458 22.10 13.92 -6.28
CA HIS A 458 21.29 15.07 -5.93
C HIS A 458 20.43 14.69 -4.75
N HIS A 459 19.89 15.71 -4.09
CA HIS A 459 18.89 15.53 -3.05
C HIS A 459 17.72 16.46 -3.32
N HIS A 460 16.65 16.29 -2.53
CA HIS A 460 15.46 17.09 -2.71
C HIS A 460 15.79 18.56 -2.45
N PRO A 461 15.44 19.47 -3.36
CA PRO A 461 15.76 20.89 -3.15
C PRO A 461 15.10 21.55 -1.93
N VAL A 462 14.11 20.92 -1.30
CA VAL A 462 13.56 21.56 -0.12
C VAL A 462 14.65 21.69 0.96
N ALA A 463 15.63 20.80 0.95
CA ALA A 463 16.68 20.90 1.97
C ALA A 463 17.59 22.10 1.67
N ASP A 464 17.57 22.62 0.45
CA ASP A 464 18.43 23.77 0.18
C ASP A 464 17.90 25.05 0.80
N LEU A 465 16.70 25.01 1.37
CA LEU A 465 16.15 26.14 2.07
C LEU A 465 16.85 26.37 3.41
N MET A 466 17.49 25.34 3.96
CA MET A 466 18.09 25.47 5.28
C MET A 466 19.55 25.89 5.21
N GLY A 467 19.88 26.92 5.96
CA GLY A 467 21.28 27.26 6.15
C GLY A 467 21.96 26.27 7.07
N ASP A 468 23.29 26.42 7.17
CA ASP A 468 24.09 25.45 7.91
C ASP A 468 23.66 25.37 9.37
N ALA A 469 23.43 26.52 10.03
CA ALA A 469 23.10 26.48 11.46
C ALA A 469 21.76 25.80 11.68
N GLU A 470 20.76 26.12 10.84
CA GLU A 470 19.45 25.50 10.97
C GLU A 470 19.52 24.00 10.70
N LEU A 471 20.30 23.62 9.70
CA LEU A 471 20.43 22.22 9.34
C LEU A 471 21.14 21.45 10.44
N SER A 472 22.22 22.02 10.98
CA SER A 472 22.94 21.36 12.08
C SER A 472 22.08 21.27 13.32
N GLN A 473 21.27 22.30 13.59
CA GLN A 473 20.39 22.28 14.75
C GLN A 473 19.32 21.21 14.61
N PHE A 474 18.81 21.04 13.38
CA PHE A 474 17.84 19.99 13.09
C PHE A 474 18.43 18.61 13.37
N LEU A 475 19.61 18.34 12.79
CA LEU A 475 20.22 17.02 12.97
C LEU A 475 20.61 16.79 14.43
N GLU A 476 21.17 17.79 15.10
CA GLU A 476 21.62 17.59 16.48
CA GLU A 476 21.62 17.59 16.48
C GLU A 476 20.45 17.40 17.44
N GLY A 477 19.31 18.06 17.19
CA GLY A 477 18.13 17.82 18.02
C GLY A 477 17.67 16.38 17.93
N ILE A 478 17.66 15.82 16.71
CA ILE A 478 17.36 14.40 16.53
C ILE A 478 18.38 13.53 17.29
N ARG A 479 19.69 13.81 17.11
CA ARG A 479 20.68 12.95 17.76
C ARG A 479 20.56 13.02 19.28
N GLN A 480 20.25 14.20 19.83
CA GLN A 480 20.11 14.31 21.28
C GLN A 480 18.92 13.53 21.79
N ARG A 481 17.83 13.52 21.02
CA ARG A 481 16.67 12.72 21.41
C ARG A 481 16.98 11.22 21.33
N VAL A 482 17.70 10.78 20.29
CA VAL A 482 18.12 9.37 20.23
C VAL A 482 18.97 9.00 21.44
N GLU A 483 19.98 9.82 21.74
CA GLU A 483 20.88 9.46 22.82
C GLU A 483 20.17 9.50 24.17
N ALA A 484 19.22 10.41 24.36
CA ALA A 484 18.53 10.47 25.65
C ALA A 484 17.64 9.24 25.83
N THR A 485 17.03 8.79 24.74
CA THR A 485 16.20 7.59 24.80
C THR A 485 17.07 6.36 25.01
N LEU A 486 18.20 6.29 24.30
CA LEU A 486 19.10 5.14 24.43
C LEU A 486 19.61 5.00 25.84
N ALA A 487 19.91 6.14 26.50
CA ALA A 487 20.45 6.09 27.87
C ALA A 487 19.46 5.51 28.88
N ARG A 488 18.18 5.47 28.55
CA ARG A 488 17.14 4.89 29.40
C ARG A 488 16.95 3.39 29.17
N LEU A 489 17.64 2.81 28.21
CA LEU A 489 17.45 1.38 27.93
C LEU A 489 18.50 0.55 28.66
N PRO A 490 18.14 -0.57 29.31
CA PRO A 490 19.14 -1.37 30.04
C PRO A 490 19.94 -2.26 29.11
N PRO A 491 21.05 -2.81 29.60
CA PRO A 491 21.73 -3.88 28.86
C PRO A 491 20.77 -5.03 28.53
N HIS A 492 20.93 -5.58 27.31
CA HIS A 492 20.06 -6.66 26.82
C HIS A 492 19.92 -7.79 27.84
N ALA A 493 21.03 -8.23 28.39
CA ALA A 493 21.02 -9.36 29.30
C ALA A 493 20.23 -9.05 30.55
N GLU A 494 20.31 -7.81 31.05
CA GLU A 494 19.53 -7.46 32.23
C GLU A 494 18.04 -7.48 31.91
N PHE A 495 17.66 -6.98 30.74
CA PHE A 495 16.25 -7.01 30.39
C PHE A 495 15.76 -8.45 30.22
N LEU A 496 16.53 -9.31 29.56
CA LEU A 496 16.12 -10.70 29.38
C LEU A 496 15.92 -11.39 30.73
N ARG A 497 16.87 -11.21 31.64
CA ARG A 497 16.78 -11.86 32.95
C ARG A 497 15.50 -11.48 33.67
N ARG A 498 15.04 -10.23 33.51
CA ARG A 498 13.82 -9.80 34.20
C ARG A 498 12.54 -10.11 33.43
N TYR A 499 12.60 -10.17 32.10
CA TYR A 499 11.38 -10.21 31.30
C TYR A 499 11.02 -11.61 30.82
N CYS A 500 12.01 -12.39 30.40
CA CYS A 500 11.70 -13.64 29.77
C CYS A 500 12.82 -14.65 29.96
N PRO A 501 13.32 -14.86 31.18
CA PRO A 501 14.45 -15.78 31.37
C PRO A 501 14.11 -17.22 31.00
N ALA A 502 14.95 -17.81 30.12
CA ALA A 502 14.88 -19.20 29.71
C ALA A 502 15.85 -20.01 30.57
N PRO A 503 15.49 -21.24 30.88
CA PRO A 503 16.41 -22.08 31.67
C PRO A 503 17.66 -22.47 30.89
N ALA A 504 18.80 -22.38 31.53
CA ALA A 504 20.02 -22.79 30.83
C ALA A 504 20.01 -24.30 30.60
N PRO A 505 20.31 -24.78 29.40
CA PRO A 505 20.38 -26.22 29.20
C PRO A 505 21.33 -26.85 30.20
N PRO A 506 21.04 -28.07 30.66
CA PRO A 506 21.84 -28.63 31.76
C PRO A 506 23.18 -29.18 31.33
N ALA A 507 23.24 -29.70 30.12
CA ALA A 507 24.39 -30.51 29.72
C ALA A 507 24.75 -30.26 28.25
N PRO A 508 25.10 -29.02 27.91
CA PRO A 508 25.68 -28.77 26.59
C PRO A 508 26.94 -29.59 26.44
N MET A 509 27.34 -29.86 25.19
CA MET A 509 28.44 -30.77 24.88
CA MET A 509 28.44 -30.77 24.90
C MET A 509 29.53 -30.05 24.09
N PRO A 510 30.22 -29.10 24.71
CA PRO A 510 31.31 -28.41 24.01
C PRO A 510 32.39 -29.41 23.60
N GLN A 511 32.81 -29.30 22.32
CA GLN A 511 33.86 -30.16 21.79
C GLN A 511 35.21 -29.55 22.12
N PRO A 512 36.17 -30.37 22.54
CA PRO A 512 37.50 -29.83 22.88
C PRO A 512 38.10 -29.12 21.69
N ALA A 513 38.78 -28.01 21.95
CA ALA A 513 39.44 -27.21 20.91
C ALA A 513 40.44 -28.03 20.08
N ARG B 14 21.10 21.12 -15.49
CA ARG B 14 20.62 22.49 -15.29
C ARG B 14 19.65 22.56 -14.12
N LEU B 15 20.02 23.40 -13.15
CA LEU B 15 19.23 23.55 -11.94
C LEU B 15 17.87 24.15 -12.24
N VAL B 16 16.84 23.57 -11.64
CA VAL B 16 15.48 24.08 -11.85
C VAL B 16 15.30 25.26 -10.91
N ARG B 17 15.28 26.48 -11.47
CA ARG B 17 15.11 27.69 -10.68
C ARG B 17 13.87 28.47 -11.02
N ARG B 18 13.30 28.25 -12.21
CA ARG B 18 12.14 28.98 -12.68
C ARG B 18 11.06 27.99 -13.11
N VAL B 19 9.86 28.14 -12.55
CA VAL B 19 8.71 27.31 -12.93
C VAL B 19 7.71 28.24 -13.58
N VAL B 20 7.24 27.88 -14.77
CA VAL B 20 6.24 28.66 -15.49
C VAL B 20 4.98 27.80 -15.56
N ILE B 21 3.87 28.36 -15.10
CA ILE B 21 2.59 27.66 -15.04
C ILE B 21 1.73 28.20 -16.17
N ALA B 22 1.38 27.34 -17.13
CA ALA B 22 0.60 27.77 -18.30
C ALA B 22 -0.88 27.51 -18.01
N GLY B 23 -1.63 28.56 -17.72
CA GLY B 23 -3.03 28.44 -17.39
C GLY B 23 -3.30 28.64 -15.90
N GLY B 24 -4.48 29.21 -15.61
CA GLY B 24 -4.93 29.44 -14.25
C GLY B 24 -6.03 28.49 -13.82
N GLY B 25 -7.14 29.03 -13.34
CA GLY B 25 -8.20 28.16 -12.89
C GLY B 25 -7.78 27.32 -11.70
N THR B 26 -8.51 26.22 -11.49
CA THR B 26 -8.16 25.40 -10.33
CA THR B 26 -8.21 25.34 -10.38
C THR B 26 -6.82 24.71 -10.51
N ALA B 27 -6.52 24.19 -11.70
CA ALA B 27 -5.26 23.44 -11.86
C ALA B 27 -4.06 24.35 -11.65
N GLY B 28 -4.06 25.50 -12.32
CA GLY B 28 -2.91 26.40 -12.23
C GLY B 28 -2.73 27.01 -10.85
N TRP B 29 -3.83 27.43 -10.20
CA TRP B 29 -3.66 28.10 -8.92
C TRP B 29 -3.49 27.11 -7.77
N MET B 30 -4.04 25.89 -7.84
CA MET B 30 -3.66 24.90 -6.84
C MET B 30 -2.16 24.60 -6.94
N ALA B 31 -1.63 24.51 -8.16
CA ALA B 31 -0.21 24.23 -8.32
C ALA B 31 0.63 25.40 -7.80
N ALA B 32 0.25 26.62 -8.18
CA ALA B 32 0.98 27.81 -7.74
C ALA B 32 0.97 27.91 -6.22
N ALA B 33 -0.16 27.59 -5.61
CA ALA B 33 -0.29 27.72 -4.16
C ALA B 33 0.64 26.74 -3.45
N ALA B 34 0.61 25.48 -3.84
CA ALA B 34 1.45 24.49 -3.17
C ALA B 34 2.94 24.73 -3.43
N LEU B 35 3.30 25.00 -4.68
CA LEU B 35 4.70 25.20 -5.02
CA LEU B 35 4.70 25.20 -5.03
C LEU B 35 5.27 26.41 -4.32
N SER B 36 4.50 27.51 -4.29
CA SER B 36 5.02 28.72 -3.66
C SER B 36 5.05 28.58 -2.13
N LYS B 37 4.05 27.94 -1.54
CA LYS B 37 4.11 27.69 -0.10
C LYS B 37 5.37 26.91 0.28
N LEU B 38 5.70 25.85 -0.46
CA LEU B 38 6.82 25.02 -0.06
C LEU B 38 8.16 25.58 -0.49
N LEU B 39 8.27 26.02 -1.75
CA LEU B 39 9.57 26.32 -2.34
C LEU B 39 9.70 27.74 -2.86
N GLY B 40 8.73 28.60 -2.59
CA GLY B 40 8.71 29.94 -3.16
C GLY B 40 9.85 30.83 -2.71
N ARG B 41 10.52 30.48 -1.62
CA ARG B 41 11.66 31.31 -1.19
C ARG B 41 12.89 31.13 -2.08
N GLN B 42 12.97 30.04 -2.82
CA GLN B 42 14.10 29.81 -3.73
C GLN B 42 13.73 29.64 -5.19
N LEU B 43 12.46 29.56 -5.55
CA LEU B 43 12.02 29.38 -6.92
C LEU B 43 11.35 30.65 -7.40
N GLN B 44 11.54 30.97 -8.67
CA GLN B 44 10.79 32.02 -9.33
C GLN B 44 9.60 31.33 -10.00
N ILE B 45 8.40 31.66 -9.58
CA ILE B 45 7.17 31.01 -10.05
C ILE B 45 6.33 32.06 -10.76
N THR B 46 6.03 31.80 -12.02
CA THR B 46 5.24 32.69 -12.86
C THR B 46 4.06 31.91 -13.38
N LEU B 47 2.88 32.50 -13.31
CA LEU B 47 1.68 31.90 -13.86
C LEU B 47 1.10 32.82 -14.94
N VAL B 48 0.77 32.23 -16.09
CA VAL B 48 0.15 32.95 -17.21
C VAL B 48 -1.29 32.50 -17.33
N GLU B 49 -2.23 33.46 -17.33
CA GLU B 49 -3.62 33.12 -17.54
C GLU B 49 -4.34 34.32 -18.18
N SER B 50 -5.47 34.03 -18.80
CA SER B 50 -6.23 35.06 -19.50
C SER B 50 -7.44 35.49 -18.66
N ASP B 51 -7.64 36.80 -18.53
CA ASP B 51 -8.85 37.30 -17.85
C ASP B 51 -10.13 36.92 -18.57
N GLU B 52 -10.04 36.49 -19.83
CA GLU B 52 -11.23 36.10 -20.58
C GLU B 52 -11.79 34.74 -20.17
N ILE B 53 -11.15 34.04 -19.23
CA ILE B 53 -11.61 32.75 -18.75
C ILE B 53 -11.99 32.90 -17.28
N GLY B 54 -13.19 32.46 -16.93
CA GLY B 54 -13.66 32.52 -15.56
C GLY B 54 -14.60 31.38 -15.24
N THR B 55 -14.60 30.96 -13.97
CA THR B 55 -15.40 29.83 -13.53
C THR B 55 -16.17 30.16 -12.24
N VAL B 56 -16.36 31.44 -11.93
CA VAL B 56 -17.04 31.79 -10.68
C VAL B 56 -18.52 31.48 -10.84
N GLY B 57 -19.10 30.85 -9.82
CA GLY B 57 -20.45 30.37 -9.85
C GLY B 57 -20.61 28.96 -10.40
N VAL B 58 -19.53 28.19 -10.48
CA VAL B 58 -19.59 26.77 -10.78
C VAL B 58 -19.34 25.99 -9.49
N GLY B 59 -20.35 25.27 -9.03
CA GLY B 59 -20.22 24.47 -7.81
C GLY B 59 -19.55 23.15 -8.17
N GLU B 60 -18.66 22.71 -7.29
CA GLU B 60 -17.91 21.47 -7.53
C GLU B 60 -17.78 20.72 -6.20
N ALA B 61 -17.91 19.40 -6.26
CA ALA B 61 -17.73 18.55 -5.08
C ALA B 61 -16.30 18.03 -5.01
N THR B 62 -15.86 17.68 -3.80
CA THR B 62 -14.48 17.28 -3.53
C THR B 62 -14.47 16.03 -2.64
N ILE B 63 -13.27 15.54 -2.34
CA ILE B 63 -13.16 14.32 -1.53
C ILE B 63 -12.12 14.59 -0.44
N PRO B 64 -11.99 13.72 0.58
CA PRO B 64 -11.26 14.15 1.79
C PRO B 64 -9.79 14.47 1.61
N SER B 65 -9.15 14.04 0.50
CA SER B 65 -7.77 14.43 0.27
C SER B 65 -7.59 15.94 0.27
N LEU B 66 -8.63 16.70 -0.10
CA LEU B 66 -8.45 18.16 -0.10
C LEU B 66 -8.27 18.71 1.31
N VAL B 67 -8.88 18.06 2.32
CA VAL B 67 -8.63 18.46 3.70
C VAL B 67 -7.14 18.38 4.00
N THR B 68 -6.51 17.28 3.58
CA THR B 68 -5.08 17.12 3.79
C THR B 68 -4.30 18.17 3.02
N PHE B 69 -4.68 18.42 1.77
CA PHE B 69 -3.98 19.43 0.98
C PHE B 69 -3.94 20.76 1.74
N HIS B 70 -5.07 21.16 2.31
CA HIS B 70 -5.10 22.45 2.99
C HIS B 70 -4.29 22.40 4.28
N ARG B 71 -4.19 21.23 4.90
CA ARG B 71 -3.31 21.11 6.07
C ARG B 71 -1.85 21.31 5.69
N LEU B 72 -1.43 20.74 4.54
CA LEU B 72 -0.06 20.90 4.07
C LEU B 72 0.26 22.36 3.78
N LEU B 73 -0.71 23.08 3.23
CA LEU B 73 -0.51 24.46 2.84
C LEU B 73 -0.78 25.45 3.98
N GLU B 74 -1.21 24.96 5.15
CA GLU B 74 -1.63 25.77 6.30
C GLU B 74 -2.71 26.77 5.89
N ILE B 75 -3.69 26.27 5.15
CA ILE B 75 -4.87 27.04 4.82
C ILE B 75 -5.91 26.85 5.91
N ASP B 76 -6.47 27.96 6.41
CA ASP B 76 -7.49 27.85 7.42
CA ASP B 76 -7.52 27.93 7.42
C ASP B 76 -8.81 27.40 6.79
N GLU B 77 -9.34 26.30 7.30
CA GLU B 77 -10.54 25.70 6.71
C GLU B 77 -11.73 26.65 6.76
N ALA B 78 -11.98 27.27 7.91
CA ALA B 78 -13.18 28.11 7.97
C ALA B 78 -13.05 29.32 7.06
N GLN B 79 -11.85 29.90 6.97
CA GLN B 79 -11.64 31.03 6.07
C GLN B 79 -11.81 30.60 4.60
N PHE B 80 -11.22 29.46 4.23
CA PHE B 80 -11.40 28.91 2.89
C PHE B 80 -12.88 28.68 2.59
N MET B 81 -13.61 28.06 3.53
CA MET B 81 -15.01 27.74 3.24
C MET B 81 -15.84 29.01 3.10
N ALA B 82 -15.62 29.98 3.99
CA ALA B 82 -16.38 31.22 3.90
C ALA B 82 -16.11 31.95 2.58
N ALA B 83 -14.87 31.87 2.09
CA ALA B 83 -14.50 32.57 0.86
C ALA B 83 -14.98 31.86 -0.39
N THR B 84 -15.43 30.60 -0.29
CA THR B 84 -15.80 29.83 -1.47
C THR B 84 -17.24 29.36 -1.42
N GLN B 85 -18.06 29.95 -0.54
CA GLN B 85 -19.46 29.62 -0.41
C GLN B 85 -19.65 28.15 -0.06
N ALA B 86 -18.68 27.55 0.63
CA ALA B 86 -18.59 26.10 0.71
C ALA B 86 -19.49 25.51 1.78
N THR B 87 -19.94 24.27 1.56
CA THR B 87 -20.64 23.48 2.56
C THR B 87 -19.91 22.16 2.78
N PHE B 88 -20.35 21.40 3.78
CA PHE B 88 -19.71 20.11 4.02
C PHE B 88 -20.36 18.99 3.21
N LYS B 89 -19.54 18.00 2.88
CA LYS B 89 -19.97 16.86 2.09
C LYS B 89 -19.57 15.58 2.81
N VAL B 90 -20.52 14.63 2.99
CA VAL B 90 -20.16 13.34 3.59
C VAL B 90 -20.42 12.16 2.68
N GLY B 91 -20.93 12.37 1.47
CA GLY B 91 -21.18 11.24 0.60
C GLY B 91 -21.88 11.72 -0.65
N ILE B 92 -22.25 10.73 -1.47
CA ILE B 92 -22.94 10.95 -2.73
C ILE B 92 -24.18 10.07 -2.69
N ALA B 93 -25.34 10.64 -3.02
CA ALA B 93 -26.57 9.86 -3.12
C ALA B 93 -26.71 9.39 -4.57
N PHE B 94 -26.65 8.09 -4.79
CA PHE B 94 -26.76 7.51 -6.14
C PHE B 94 -28.20 7.05 -6.36
N GLU B 95 -28.91 7.79 -7.19
CA GLU B 95 -30.32 7.50 -7.48
C GLU B 95 -30.47 6.90 -8.88
N HIS B 96 -31.18 5.77 -8.94
CA HIS B 96 -31.62 5.11 -10.18
C HIS B 96 -30.50 4.40 -10.94
N TRP B 97 -29.37 4.09 -10.28
CA TRP B 97 -28.26 3.44 -10.98
C TRP B 97 -28.46 1.95 -11.04
N ARG B 98 -28.71 1.31 -9.89
CA ARG B 98 -28.98 -0.12 -9.93
C ARG B 98 -30.16 -0.39 -10.83
N ASP B 99 -31.23 0.35 -10.64
CA ASP B 99 -32.41 0.24 -11.47
C ASP B 99 -33.24 1.46 -11.18
N VAL B 100 -34.25 1.71 -12.01
CA VAL B 100 -35.20 2.77 -11.69
C VAL B 100 -35.77 2.53 -10.30
N ASP B 101 -35.83 3.60 -9.51
CA ASP B 101 -36.34 3.66 -8.13
C ASP B 101 -35.55 2.83 -7.13
N ARG B 102 -34.30 2.46 -7.42
CA ARG B 102 -33.44 1.79 -6.46
C ARG B 102 -32.25 2.70 -6.19
N HIS B 103 -32.12 3.15 -4.93
CA HIS B 103 -31.15 4.18 -4.56
C HIS B 103 -30.25 3.68 -3.46
N TYR B 104 -29.07 4.28 -3.35
CA TYR B 104 -28.19 4.00 -2.21
C TYR B 104 -27.28 5.19 -2.04
N ILE B 105 -26.50 5.19 -0.95
CA ILE B 105 -25.55 6.26 -0.70
C ILE B 105 -24.17 5.66 -0.68
N HIS B 106 -23.21 6.33 -1.35
CA HIS B 106 -21.80 6.02 -1.23
C HIS B 106 -21.18 7.11 -0.34
N SER B 107 -20.88 6.76 0.91
CA SER B 107 -20.40 7.76 1.88
C SER B 107 -18.90 7.63 2.11
N PHE B 108 -18.31 8.64 2.76
CA PHE B 108 -17.00 8.47 3.34
C PHE B 108 -17.10 7.60 4.60
N GLY B 109 -15.97 7.43 5.28
CA GLY B 109 -15.95 6.67 6.53
C GLY B 109 -15.85 5.16 6.33
N HIS B 110 -16.27 4.44 7.38
CA HIS B 110 -16.10 3.00 7.52
C HIS B 110 -17.41 2.43 8.08
N THR B 111 -17.78 1.25 7.63
CA THR B 111 -19.02 0.62 8.08
C THR B 111 -18.69 -0.48 9.12
N GLY B 112 -19.27 -0.35 10.32
CA GLY B 112 -19.15 -1.42 11.29
C GLY B 112 -17.74 -1.60 11.85
N THR B 113 -17.46 -2.82 12.31
CA THR B 113 -16.21 -3.18 12.96
C THR B 113 -15.66 -4.38 12.19
N ASP B 114 -14.39 -4.30 11.78
CA ASP B 114 -13.76 -5.43 11.08
C ASP B 114 -13.11 -6.38 12.08
N HIS B 115 -12.93 -7.64 11.65
CA HIS B 115 -12.01 -8.56 12.29
C HIS B 115 -10.72 -8.56 11.47
N TRP B 116 -9.58 -8.90 12.08
CA TRP B 116 -8.33 -8.87 11.31
C TRP B 116 -8.40 -9.79 10.09
N SER B 117 -9.20 -10.86 10.17
CA SER B 117 -9.29 -11.81 9.05
C SER B 117 -10.40 -11.49 8.05
N ALA B 118 -11.35 -10.62 8.40
CA ALA B 118 -12.55 -10.47 7.58
C ALA B 118 -13.21 -9.14 7.89
N GLY B 119 -13.54 -8.40 6.84
CA GLY B 119 -14.19 -7.12 7.03
C GLY B 119 -15.62 -7.24 7.52
N PHE B 120 -16.11 -6.10 8.03
CA PHE B 120 -17.47 -6.06 8.60
C PHE B 120 -18.53 -6.60 7.65
N GLN B 121 -18.37 -6.40 6.32
CA GLN B 121 -19.42 -6.83 5.40
C GLN B 121 -19.70 -8.33 5.53
N HIS B 122 -18.72 -9.15 5.95
CA HIS B 122 -19.00 -10.58 6.09
C HIS B 122 -19.99 -10.83 7.22
N PHE B 123 -19.84 -10.10 8.33
CA PHE B 123 -20.79 -10.23 9.44
C PHE B 123 -22.14 -9.68 9.04
N TRP B 124 -22.16 -8.56 8.31
CA TRP B 124 -23.44 -8.03 7.86
C TRP B 124 -24.11 -8.99 6.90
N LEU B 125 -23.36 -9.60 5.98
CA LEU B 125 -23.99 -10.52 5.03
C LEU B 125 -24.63 -11.70 5.76
N LYS B 126 -23.91 -12.30 6.71
CA LYS B 126 -24.47 -13.40 7.48
CA LYS B 126 -24.46 -13.40 7.49
C LYS B 126 -25.70 -12.96 8.25
N ALA B 127 -25.63 -11.82 8.94
CA ALA B 127 -26.76 -11.33 9.72
C ALA B 127 -27.97 -11.07 8.84
N HIS B 128 -27.74 -10.49 7.66
CA HIS B 128 -28.82 -10.25 6.71
C HIS B 128 -29.47 -11.55 6.28
N ALA B 129 -28.66 -12.58 5.99
CA ALA B 129 -29.22 -13.89 5.65
C ALA B 129 -30.05 -14.47 6.80
N ARG B 130 -29.68 -14.16 8.05
CA ARG B 130 -30.40 -14.62 9.24
C ARG B 130 -31.52 -13.66 9.66
N GLY B 131 -31.73 -12.59 8.89
CA GLY B 131 -32.78 -11.62 9.16
C GLY B 131 -32.59 -10.79 10.40
N VAL B 132 -31.35 -10.58 10.83
CA VAL B 132 -31.10 -9.78 12.03
C VAL B 132 -30.24 -8.55 11.69
N ALA B 133 -30.28 -8.11 10.44
CA ALA B 133 -29.53 -6.93 9.99
C ALA B 133 -30.47 -5.86 9.43
N ARG B 134 -30.16 -4.59 9.75
CA ARG B 134 -30.76 -3.47 9.04
C ARG B 134 -29.99 -3.20 7.75
N ASP B 135 -30.36 -2.13 7.04
CA ASP B 135 -29.64 -1.74 5.82
CA ASP B 135 -29.64 -1.80 5.81
C ASP B 135 -28.16 -1.58 6.12
N PHE B 136 -27.30 -1.97 5.16
CA PHE B 136 -25.84 -1.84 5.36
C PHE B 136 -25.45 -0.43 5.79
N GLY B 137 -26.10 0.59 5.22
CA GLY B 137 -25.77 1.97 5.55
C GLY B 137 -26.08 2.39 6.97
N ASP B 138 -26.98 1.70 7.67
CA ASP B 138 -27.29 2.06 9.05
C ASP B 138 -26.11 1.87 10.00
N TYR B 139 -25.04 1.22 9.55
CA TYR B 139 -23.88 0.94 10.37
C TYR B 139 -22.73 1.89 10.09
N CYS B 140 -23.01 2.97 9.36
CA CYS B 140 -21.99 3.93 8.96
C CYS B 140 -22.46 5.34 9.32
N LEU B 141 -21.68 6.01 10.18
CA LEU B 141 -22.09 7.33 10.69
C LEU B 141 -22.23 8.34 9.56
N GLU B 142 -21.22 8.41 8.67
CA GLU B 142 -21.24 9.42 7.61
C GLU B 142 -22.47 9.27 6.71
N LEU B 143 -22.87 8.02 6.44
CA LEU B 143 -24.05 7.77 5.62
C LEU B 143 -25.30 8.28 6.33
N ARG B 144 -25.43 7.98 7.62
CA ARG B 144 -26.56 8.51 8.38
C ARG B 144 -26.55 10.03 8.41
N ALA B 145 -25.35 10.65 8.49
CA ALA B 145 -25.27 12.11 8.46
C ALA B 145 -25.73 12.67 7.13
N ALA B 146 -25.51 11.93 6.04
CA ALA B 146 -26.10 12.34 4.76
C ALA B 146 -27.62 12.23 4.80
N GLN B 147 -28.14 11.16 5.36
CA GLN B 147 -29.60 10.99 5.37
C GLN B 147 -30.27 12.05 6.23
N GLU B 148 -29.65 12.44 7.34
CA GLU B 148 -30.28 13.35 8.27
C GLU B 148 -29.85 14.81 8.12
N GLY B 149 -28.89 15.12 7.26
CA GLY B 149 -28.50 16.50 7.05
C GLY B 149 -27.79 17.13 8.22
N ARG B 150 -27.00 16.36 8.96
CA ARG B 150 -26.29 16.86 10.13
C ARG B 150 -24.80 16.85 9.88
N PHE B 151 -24.09 17.77 10.53
CA PHE B 151 -22.64 17.80 10.43
C PHE B 151 -22.05 18.56 11.60
N ALA B 152 -20.96 18.00 12.16
CA ALA B 152 -19.95 18.74 12.90
C ALA B 152 -18.67 17.92 12.89
N HIS B 153 -17.54 18.57 13.17
CA HIS B 153 -16.30 17.83 13.34
C HIS B 153 -16.38 16.97 14.59
N LEU B 154 -15.71 15.83 14.57
CA LEU B 154 -15.63 15.01 15.76
C LEU B 154 -14.18 14.88 16.24
N PRO B 155 -13.97 14.61 17.52
CA PRO B 155 -12.60 14.45 18.04
C PRO B 155 -11.83 13.36 17.29
N ASN B 156 -10.52 13.61 17.15
CA ASN B 156 -9.57 12.68 16.52
C ASN B 156 -10.02 12.30 15.12
N GLY B 157 -10.45 13.30 14.35
CA GLY B 157 -10.90 13.06 12.98
C GLY B 157 -11.97 11.99 12.87
N GLY B 158 -12.89 11.95 13.82
CA GLY B 158 -13.91 10.92 13.82
C GLY B 158 -15.00 11.10 12.79
N MET B 159 -15.08 12.28 12.17
CA MET B 159 -16.02 12.50 11.07
C MET B 159 -15.20 12.68 9.80
N ASN B 160 -15.43 11.82 8.80
CA ASN B 160 -14.73 11.93 7.53
C ASN B 160 -15.60 12.74 6.56
N TYR B 161 -15.01 13.77 5.93
CA TYR B 161 -15.82 14.71 5.17
C TYR B 161 -14.93 15.39 4.13
N ALA B 162 -15.59 16.10 3.20
CA ALA B 162 -14.95 17.00 2.27
C ALA B 162 -15.88 18.19 2.04
N TYR B 163 -15.86 18.79 0.85
CA TYR B 163 -16.55 20.07 0.68
C TYR B 163 -17.35 20.10 -0.61
N HIS B 164 -18.40 20.92 -0.59
CA HIS B 164 -18.95 21.45 -1.83
C HIS B 164 -18.48 22.91 -1.91
N LEU B 165 -17.90 23.31 -3.04
CA LEU B 165 -17.28 24.64 -3.13
C LEU B 165 -17.56 25.29 -4.47
N ASP B 166 -17.38 26.61 -4.52
CA ASP B 166 -17.42 27.38 -5.77
C ASP B 166 -16.02 27.36 -6.35
N ALA B 167 -15.84 26.68 -7.49
CA ALA B 167 -14.49 26.46 -8.01
C ALA B 167 -13.84 27.76 -8.48
N GLY B 168 -14.63 28.69 -8.99
CA GLY B 168 -14.07 29.98 -9.37
C GLY B 168 -13.62 30.81 -8.17
N LEU B 169 -14.44 30.85 -7.11
CA LEU B 169 -14.00 31.52 -5.89
C LEU B 169 -12.80 30.81 -5.28
N TYR B 170 -12.74 29.49 -5.39
CA TYR B 170 -11.58 28.75 -4.88
C TYR B 170 -10.30 29.16 -5.62
N ALA B 171 -10.37 29.20 -6.95
CA ALA B 171 -9.21 29.66 -7.71
C ALA B 171 -8.79 31.06 -7.30
N ARG B 172 -9.77 31.94 -7.04
CA ARG B 172 -9.44 33.30 -6.63
C ARG B 172 -8.77 33.32 -5.26
N PHE B 173 -9.27 32.51 -4.33
CA PHE B 173 -8.67 32.38 -3.00
C PHE B 173 -7.23 31.87 -3.10
N LEU B 174 -7.00 30.86 -3.94
CA LEU B 174 -5.65 30.34 -4.11
C LEU B 174 -4.75 31.35 -4.79
N ARG B 175 -5.32 32.18 -5.66
CA ARG B 175 -4.48 33.22 -6.28
C ARG B 175 -3.97 34.22 -5.25
N ARG B 176 -4.86 34.69 -4.35
CA ARG B 176 -4.42 35.59 -3.28
C ARG B 176 -3.35 34.92 -2.41
N PHE B 177 -3.60 33.68 -2.01
CA PHE B 177 -2.62 32.91 -1.26
C PHE B 177 -1.26 32.84 -1.98
N SER B 178 -1.28 32.49 -3.27
CA SER B 178 -0.05 32.30 -4.03
C SER B 178 0.70 33.61 -4.22
N GLU B 179 -0.01 34.68 -4.54
CA GLU B 179 0.65 35.98 -4.69
C GLU B 179 1.33 36.38 -3.39
N GLY B 180 0.73 36.01 -2.25
CA GLY B 180 1.36 36.25 -0.95
C GLY B 180 2.68 35.52 -0.74
N PHE B 181 2.90 34.41 -1.45
CA PHE B 181 4.16 33.69 -1.40
C PHE B 181 5.07 34.00 -2.60
N GLY B 182 4.76 35.06 -3.33
CA GLY B 182 5.64 35.60 -4.35
C GLY B 182 5.37 35.15 -5.77
N VAL B 183 4.26 34.47 -6.04
CA VAL B 183 3.96 34.05 -7.40
C VAL B 183 3.71 35.29 -8.24
N GLN B 184 4.31 35.31 -9.42
CA GLN B 184 4.13 36.40 -10.38
C GLN B 184 3.05 36.02 -11.38
N ARG B 185 1.98 36.80 -11.43
CA ARG B 185 0.92 36.55 -12.40
C ARG B 185 1.15 37.43 -13.61
N ILE B 186 1.09 36.83 -14.80
CA ILE B 186 1.16 37.58 -16.06
C ILE B 186 -0.14 37.32 -16.80
N GLU B 187 -0.92 38.39 -17.04
CA GLU B 187 -2.19 38.27 -17.74
C GLU B 187 -1.93 38.26 -19.23
N GLY B 188 -2.48 37.26 -19.91
CA GLY B 188 -2.30 37.16 -21.34
C GLY B 188 -2.61 35.76 -21.84
N ARG B 189 -2.39 35.60 -23.13
CA ARG B 189 -2.59 34.36 -23.85
C ARG B 189 -1.28 33.93 -24.47
N ILE B 190 -1.09 32.62 -24.57
CA ILE B 190 0.11 32.07 -25.16
C ILE B 190 -0.01 31.96 -26.68
N GLY B 191 0.86 32.68 -27.39
CA GLY B 191 0.85 32.61 -28.84
C GLY B 191 1.78 31.58 -29.43
N SER B 192 2.83 31.20 -28.70
CA SER B 192 3.75 30.19 -29.18
CA SER B 192 3.66 30.11 -29.17
C SER B 192 4.41 29.52 -27.98
N VAL B 193 4.74 28.24 -28.12
CA VAL B 193 5.59 27.49 -27.21
C VAL B 193 6.87 27.18 -27.96
N GLN B 194 8.03 27.45 -27.34
CA GLN B 194 9.34 27.21 -27.94
C GLN B 194 10.04 26.02 -27.31
N THR B 195 10.72 25.22 -28.13
CA THR B 195 11.48 24.08 -27.65
C THR B 195 12.98 24.32 -27.88
N ASP B 196 13.79 23.54 -27.17
CA ASP B 196 15.24 23.55 -27.37
C ASP B 196 15.64 22.61 -28.50
N ALA B 197 16.54 23.10 -29.37
CA ALA B 197 16.88 22.36 -30.58
C ALA B 197 17.56 21.03 -30.28
N HIS B 198 18.33 20.98 -29.20
CA HIS B 198 19.11 19.79 -28.93
C HIS B 198 18.39 18.80 -28.04
N SER B 199 17.68 19.28 -27.00
CA SER B 199 17.08 18.40 -26.00
C SER B 199 15.63 18.07 -26.30
N GLY B 200 14.93 18.93 -27.03
CA GLY B 200 13.50 18.84 -27.16
C GLY B 200 12.71 19.43 -26.00
N ASP B 201 13.40 19.93 -24.98
CA ASP B 201 12.74 20.57 -23.85
C ASP B 201 12.00 21.83 -24.27
N ILE B 202 10.95 22.18 -23.50
CA ILE B 202 10.36 23.50 -23.64
C ILE B 202 11.34 24.53 -23.14
N ALA B 203 11.53 25.59 -23.92
CA ALA B 203 12.45 26.65 -23.57
C ALA B 203 11.75 27.87 -23.01
N ALA B 204 10.56 28.20 -23.52
CA ALA B 204 9.87 29.42 -23.14
C ALA B 204 8.46 29.41 -23.71
N LEU B 205 7.62 30.26 -23.14
CA LEU B 205 6.35 30.62 -23.76
C LEU B 205 6.46 32.01 -24.34
N VAL B 206 5.78 32.25 -25.45
CA VAL B 206 5.75 33.58 -26.04
C VAL B 206 4.33 34.08 -25.93
N LEU B 207 4.13 35.19 -25.23
CA LEU B 207 2.80 35.69 -25.00
C LEU B 207 2.26 36.44 -26.23
N ASP B 208 0.96 36.77 -26.18
CA ASP B 208 0.30 37.38 -27.32
C ASP B 208 0.78 38.80 -27.60
N ASP B 209 1.57 39.41 -26.71
CA ASP B 209 2.19 40.70 -26.97
C ASP B 209 3.66 40.61 -27.37
N GLY B 210 4.20 39.42 -27.60
CA GLY B 210 5.58 39.25 -27.99
C GLY B 210 6.56 38.94 -26.86
N THR B 211 6.12 38.93 -25.62
CA THR B 211 7.01 38.66 -24.49
C THR B 211 7.40 37.19 -24.40
N ARG B 212 8.70 36.92 -24.31
CA ARG B 212 9.17 35.54 -24.12
C ARG B 212 9.35 35.31 -22.62
N ILE B 213 8.68 34.29 -22.08
CA ILE B 213 8.75 33.91 -20.65
C ILE B 213 9.59 32.64 -20.60
N GLU B 214 10.83 32.76 -20.11
CA GLU B 214 11.72 31.61 -20.06
C GLU B 214 11.49 30.84 -18.76
N GLY B 215 11.77 29.54 -18.81
CA GLY B 215 11.65 28.73 -17.60
C GLY B 215 12.44 27.46 -17.70
N ASP B 216 12.52 26.77 -16.56
CA ASP B 216 13.20 25.48 -16.46
C ASP B 216 12.22 24.30 -16.41
N LEU B 217 11.08 24.51 -15.77
CA LEU B 217 10.05 23.48 -15.65
C LEU B 217 8.73 24.16 -15.92
N PHE B 218 7.90 23.52 -16.74
CA PHE B 218 6.66 24.12 -17.21
C PHE B 218 5.52 23.23 -16.78
N LEU B 219 4.46 23.81 -16.22
CA LEU B 219 3.26 23.03 -15.88
C LEU B 219 2.18 23.32 -16.90
N ASP B 220 1.67 22.27 -17.55
CA ASP B 220 0.62 22.46 -18.55
C ASP B 220 -0.73 22.42 -17.84
N CYS B 221 -1.28 23.60 -17.59
CA CYS B 221 -2.65 23.74 -17.07
C CYS B 221 -3.57 24.40 -18.11
N THR B 222 -3.31 24.14 -19.39
CA THR B 222 -3.98 24.87 -20.45
C THR B 222 -5.30 24.25 -20.88
N GLY B 223 -5.71 23.18 -20.23
CA GLY B 223 -7.02 22.60 -20.49
C GLY B 223 -6.99 21.45 -21.47
N PHE B 224 -8.15 21.19 -22.10
CA PHE B 224 -8.27 19.95 -22.87
C PHE B 224 -7.39 19.91 -24.13
N ARG B 225 -6.94 21.07 -24.64
CA ARG B 225 -6.06 21.08 -25.82
C ARG B 225 -4.62 20.69 -25.48
N ALA B 226 -4.23 20.71 -24.21
CA ALA B 226 -2.88 20.29 -23.84
C ALA B 226 -1.83 20.94 -24.74
N LEU B 227 -1.86 22.26 -24.74
CA LEU B 227 -0.99 23.03 -25.64
C LEU B 227 0.48 22.68 -25.46
N LEU B 228 0.92 22.41 -24.22
CA LEU B 228 2.34 22.13 -24.04
C LEU B 228 2.67 20.64 -24.20
N ILE B 229 2.07 19.78 -23.37
CA ILE B 229 2.49 18.39 -23.37
C ILE B 229 2.00 17.67 -24.63
N GLY B 230 0.86 18.11 -25.17
CA GLY B 230 0.29 17.44 -26.32
C GLY B 230 0.68 18.12 -27.62
N GLN B 231 0.24 19.35 -27.81
CA GLN B 231 0.45 19.99 -29.12
C GLN B 231 1.91 20.34 -29.36
N THR B 232 2.70 20.61 -28.32
CA THR B 232 4.11 20.95 -28.49
C THR B 232 4.99 19.72 -28.39
N LEU B 233 4.91 18.98 -27.28
CA LEU B 233 5.80 17.85 -27.06
C LEU B 233 5.28 16.54 -27.67
N GLY B 234 4.06 16.54 -28.22
CA GLY B 234 3.50 15.42 -28.97
C GLY B 234 3.09 14.20 -28.18
N VAL B 235 2.80 14.36 -26.88
CA VAL B 235 2.34 13.24 -26.09
C VAL B 235 0.85 13.07 -26.36
N GLY B 236 0.46 11.89 -26.84
CA GLY B 236 -0.94 11.63 -27.13
C GLY B 236 -1.71 11.28 -25.87
N SER B 237 -2.99 10.93 -26.07
CA SER B 237 -3.81 10.48 -24.94
C SER B 237 -4.54 9.19 -25.30
N GLU B 238 -4.82 8.42 -24.27
CA GLU B 238 -5.57 7.18 -24.41
C GLU B 238 -7.04 7.50 -24.26
N ASP B 239 -7.83 7.14 -25.28
CA ASP B 239 -9.27 7.38 -25.30
C ASP B 239 -10.01 6.20 -24.64
N TRP B 240 -10.89 6.51 -23.68
CA TRP B 240 -11.60 5.47 -22.94
C TRP B 240 -13.08 5.37 -23.34
N SER B 241 -13.46 5.90 -24.51
CA SER B 241 -14.88 5.90 -24.85
C SER B 241 -15.43 4.51 -25.13
N ARG B 242 -14.59 3.50 -25.35
CA ARG B 242 -15.16 2.15 -25.44
C ARG B 242 -15.79 1.69 -24.14
N TRP B 243 -15.42 2.29 -22.99
CA TRP B 243 -15.98 1.92 -21.71
C TRP B 243 -16.87 2.97 -21.12
N LEU B 244 -16.67 4.23 -21.49
CA LEU B 244 -17.30 5.38 -20.84
C LEU B 244 -17.91 6.26 -21.93
N PHE B 245 -19.24 6.30 -22.00
CA PHE B 245 -19.86 6.88 -23.19
C PHE B 245 -20.18 8.37 -23.07
N ALA B 246 -20.20 8.95 -21.86
CA ALA B 246 -20.51 10.37 -21.74
C ALA B 246 -19.46 11.24 -22.40
N ASP B 247 -19.91 12.34 -23.00
CA ASP B 247 -18.98 13.24 -23.66
C ASP B 247 -19.46 14.68 -23.62
N SER B 248 -20.53 14.96 -22.89
CA SER B 248 -21.16 16.27 -22.90
C SER B 248 -21.70 16.59 -21.53
N ALA B 249 -21.76 17.88 -21.22
CA ALA B 249 -22.50 18.28 -20.03
C ALA B 249 -23.14 19.64 -20.25
N LEU B 250 -24.21 19.90 -19.48
CA LEU B 250 -24.82 21.21 -19.33
C LEU B 250 -24.91 21.53 -17.86
N ALA B 251 -24.52 22.76 -17.48
CA ALA B 251 -24.52 23.12 -16.06
C ALA B 251 -25.28 24.41 -15.86
N VAL B 252 -25.96 24.52 -14.73
CA VAL B 252 -26.72 25.73 -14.40
C VAL B 252 -26.86 25.83 -12.88
N GLN B 253 -26.80 27.05 -12.36
CA GLN B 253 -27.07 27.31 -10.94
C GLN B 253 -28.54 27.60 -10.70
N THR B 254 -29.01 27.23 -9.53
CA THR B 254 -30.36 27.55 -9.09
C THR B 254 -30.29 28.20 -7.73
N GLU B 255 -31.35 28.92 -7.39
CA GLU B 255 -31.52 29.46 -6.06
C GLU B 255 -31.69 28.29 -5.07
N SER B 256 -31.20 28.49 -3.85
CA SER B 256 -31.48 27.54 -2.76
C SER B 256 -32.97 27.55 -2.44
N VAL B 257 -33.52 26.37 -2.14
CA VAL B 257 -34.93 26.21 -1.80
C VAL B 257 -35.11 25.64 -0.40
N GLY B 258 -34.03 25.52 0.37
CA GLY B 258 -34.09 24.93 1.69
C GLY B 258 -32.68 24.85 2.24
N ALA B 259 -32.58 24.30 3.44
CA ALA B 259 -31.26 24.15 4.06
C ALA B 259 -30.37 23.23 3.23
N PRO B 260 -29.06 23.44 3.23
CA PRO B 260 -28.19 22.63 2.38
C PRO B 260 -28.07 21.22 2.92
N VAL B 261 -28.26 20.23 2.03
CA VAL B 261 -28.02 18.84 2.40
C VAL B 261 -26.52 18.62 2.57
N THR B 262 -26.11 17.44 3.08
CA THR B 262 -24.69 17.16 3.31
C THR B 262 -24.15 16.19 2.27
N PHE B 263 -24.84 15.99 1.16
CA PHE B 263 -24.38 15.06 0.14
C PHE B 263 -24.50 15.72 -1.23
N THR B 264 -23.68 15.21 -2.15
CA THR B 264 -23.88 15.45 -3.58
C THR B 264 -24.90 14.44 -4.13
N ARG B 265 -25.80 14.87 -5.03
CA ARG B 265 -26.75 13.96 -5.66
C ARG B 265 -26.27 13.58 -7.04
N ALA B 266 -26.31 12.28 -7.36
CA ALA B 266 -25.96 11.74 -8.67
C ALA B 266 -27.17 10.93 -9.12
N ARG B 267 -28.03 11.55 -9.93
CA ARG B 267 -29.31 10.95 -10.28
C ARG B 267 -29.23 10.44 -11.71
N ALA B 268 -29.26 9.13 -11.88
CA ALA B 268 -29.22 8.56 -13.23
C ALA B 268 -30.52 8.83 -13.97
N ASP B 269 -30.41 9.01 -15.28
CA ASP B 269 -31.56 9.18 -16.16
C ASP B 269 -31.43 8.18 -17.30
N ARG B 270 -31.99 8.50 -18.47
CA ARG B 270 -32.06 7.52 -19.56
C ARG B 270 -30.73 7.35 -20.28
N ALA B 271 -29.94 8.41 -20.39
CA ALA B 271 -28.74 8.32 -21.20
C ALA B 271 -27.67 9.21 -20.59
N GLY B 272 -27.62 9.24 -19.27
CA GLY B 272 -26.69 10.09 -18.57
C GLY B 272 -27.16 10.22 -17.13
N TRP B 273 -26.68 11.27 -16.47
CA TRP B 273 -27.03 11.43 -15.05
C TRP B 273 -26.87 12.90 -14.69
N MET B 274 -27.49 13.29 -13.56
CA MET B 274 -27.54 14.68 -13.13
C MET B 274 -26.87 14.85 -11.77
N TRP B 275 -26.06 15.90 -11.62
CA TRP B 275 -25.53 16.23 -10.30
C TRP B 275 -26.32 17.38 -9.67
N ARG B 276 -26.35 17.38 -8.33
CA ARG B 276 -26.86 18.51 -7.56
C ARG B 276 -25.91 18.73 -6.38
N ILE B 277 -25.36 19.96 -6.29
CA ILE B 277 -24.32 20.29 -5.31
C ILE B 277 -24.76 21.52 -4.53
N PRO B 278 -24.96 21.43 -3.19
CA PRO B 278 -25.39 22.64 -2.43
C PRO B 278 -24.22 23.52 -2.02
N LEU B 279 -24.30 24.82 -2.35
CA LEU B 279 -23.42 25.82 -1.79
C LEU B 279 -24.21 26.61 -0.73
N GLN B 280 -23.56 27.57 -0.11
CA GLN B 280 -24.21 28.23 1.03
C GLN B 280 -25.41 29.09 0.62
N HIS B 281 -25.41 29.64 -0.62
CA HIS B 281 -26.50 30.50 -1.08
C HIS B 281 -26.93 30.22 -2.52
N ARG B 282 -26.50 29.10 -3.09
CA ARG B 282 -26.91 28.72 -4.43
C ARG B 282 -26.75 27.21 -4.49
N VAL B 283 -27.28 26.61 -5.56
CA VAL B 283 -27.15 25.18 -5.81
C VAL B 283 -26.60 25.00 -7.21
N GLY B 284 -25.57 24.16 -7.34
CA GLY B 284 -25.01 23.81 -8.62
C GLY B 284 -25.72 22.59 -9.19
N ASN B 285 -26.02 22.63 -10.48
CA ASN B 285 -26.71 21.53 -11.14
C ASN B 285 -26.04 21.24 -12.46
N GLY B 286 -26.19 20.00 -12.91
CA GLY B 286 -25.73 19.73 -14.25
C GLY B 286 -26.24 18.39 -14.73
N ILE B 287 -26.16 18.18 -16.04
CA ILE B 287 -26.47 16.88 -16.62
C ILE B 287 -25.26 16.45 -17.45
N VAL B 288 -24.83 15.21 -17.29
CA VAL B 288 -23.74 14.58 -18.02
C VAL B 288 -24.37 13.56 -18.95
N TYR B 289 -24.02 13.61 -20.23
CA TYR B 289 -24.74 12.71 -21.13
C TYR B 289 -23.84 12.34 -22.31
N SER B 290 -24.32 11.40 -23.12
CA SER B 290 -23.59 10.94 -24.30
C SER B 290 -24.25 11.46 -25.57
N SER B 291 -23.49 12.20 -26.38
CA SER B 291 -24.01 12.69 -27.67
C SER B 291 -24.27 11.57 -28.65
N ARG B 292 -23.77 10.36 -28.40
CA ARG B 292 -24.06 9.22 -29.26
CA ARG B 292 -24.09 9.27 -29.30
C ARG B 292 -25.44 8.64 -29.01
N TYR B 293 -26.10 9.05 -27.94
CA TYR B 293 -27.41 8.53 -27.58
C TYR B 293 -28.48 9.59 -27.47
N THR B 294 -28.11 10.85 -27.27
CA THR B 294 -29.12 11.89 -27.08
C THR B 294 -28.50 13.20 -27.55
N ASP B 295 -29.31 14.24 -27.59
CA ASP B 295 -28.81 15.51 -28.05
C ASP B 295 -28.97 16.56 -26.97
N GLN B 296 -28.31 17.69 -27.19
CA GLN B 296 -28.28 18.75 -26.19
C GLN B 296 -29.69 19.25 -25.84
N ASP B 297 -30.56 19.42 -26.85
CA ASP B 297 -31.90 19.93 -26.54
C ASP B 297 -32.64 19.01 -25.57
N SER B 298 -32.56 17.69 -25.79
CA SER B 298 -33.24 16.76 -24.90
C SER B 298 -32.64 16.75 -23.51
N ALA B 299 -31.31 16.83 -23.43
CA ALA B 299 -30.65 16.85 -22.13
C ALA B 299 -31.05 18.10 -21.34
N ALA B 300 -31.12 19.25 -22.02
CA ALA B 300 -31.57 20.48 -21.35
C ALA B 300 -32.97 20.32 -20.80
N GLN B 301 -33.86 19.66 -21.56
CA GLN B 301 -35.21 19.41 -21.09
C GLN B 301 -35.22 18.56 -19.82
N VAL B 302 -34.42 17.48 -19.81
CA VAL B 302 -34.34 16.63 -18.63
C VAL B 302 -33.81 17.43 -17.43
N LEU B 303 -32.73 18.18 -17.63
CA LEU B 303 -32.17 18.98 -16.55
C LEU B 303 -33.20 19.95 -15.99
N GLU B 304 -33.87 20.69 -16.88
CA GLU B 304 -34.90 21.63 -16.43
CA GLU B 304 -34.89 21.63 -16.41
C GLU B 304 -35.99 20.92 -15.63
N HIS B 305 -36.40 19.75 -16.08
CA HIS B 305 -37.48 19.04 -15.39
C HIS B 305 -37.08 18.68 -13.97
N ASN B 306 -35.79 18.45 -13.74
CA ASN B 306 -35.34 18.00 -12.43
C ASN B 306 -34.88 19.13 -11.51
N LEU B 307 -34.79 20.37 -11.99
CA LEU B 307 -34.33 21.46 -11.14
C LEU B 307 -35.36 21.74 -10.07
N GLN B 308 -34.87 22.11 -8.89
CA GLN B 308 -35.71 22.66 -7.84
C GLN B 308 -35.36 24.13 -7.78
N GLY B 309 -36.37 24.99 -7.81
CA GLY B 309 -36.10 26.40 -7.89
C GLY B 309 -35.79 26.80 -9.33
N ARG B 310 -35.81 28.10 -9.56
CA ARG B 310 -35.56 28.61 -10.90
C ARG B 310 -34.06 28.73 -11.20
N ALA B 311 -33.73 28.53 -12.47
CA ALA B 311 -32.36 28.71 -12.93
C ALA B 311 -31.97 30.17 -12.82
N LEU B 312 -30.72 30.41 -12.41
CA LEU B 312 -30.20 31.77 -12.23
C LEU B 312 -29.27 32.19 -13.34
N THR B 313 -28.83 31.25 -14.17
CA THR B 313 -27.87 31.53 -15.22
C THR B 313 -28.34 30.83 -16.49
N THR B 314 -27.76 31.24 -17.58
CA THR B 314 -27.97 30.47 -18.79
C THR B 314 -27.10 29.21 -18.72
N PRO B 315 -27.62 28.05 -19.13
CA PRO B 315 -26.83 26.82 -19.02
C PRO B 315 -25.53 26.95 -19.79
N ARG B 316 -24.48 26.38 -19.23
CA ARG B 316 -23.15 26.36 -19.83
C ARG B 316 -22.93 24.96 -20.37
N ALA B 317 -22.49 24.86 -21.62
CA ALA B 317 -22.23 23.59 -22.28
C ALA B 317 -20.76 23.23 -22.19
N LEU B 318 -20.50 21.93 -22.06
CA LEU B 318 -19.16 21.40 -21.97
CA LEU B 318 -19.15 21.41 -21.98
C LEU B 318 -19.06 20.16 -22.84
N ARG B 319 -17.95 20.00 -23.53
CA ARG B 319 -17.63 18.80 -24.27
CA ARG B 319 -17.64 18.79 -24.25
C ARG B 319 -16.33 18.22 -23.71
N PHE B 320 -16.28 16.90 -23.57
CA PHE B 320 -15.10 16.25 -23.01
C PHE B 320 -14.97 14.85 -23.59
N THR B 321 -13.83 14.21 -23.33
CA THR B 321 -13.65 12.80 -23.62
CA THR B 321 -13.59 12.80 -23.65
C THR B 321 -13.03 12.14 -22.40
N PRO B 322 -13.48 10.94 -22.04
CA PRO B 322 -12.77 10.19 -20.97
C PRO B 322 -11.42 9.77 -21.52
N ASN B 323 -10.35 10.21 -20.86
CA ASN B 323 -9.03 10.03 -21.46
C ASN B 323 -7.95 10.23 -20.41
N GLN B 324 -6.75 9.73 -20.72
CA GLN B 324 -5.55 9.98 -19.92
C GLN B 324 -4.37 10.21 -20.84
N ARG B 325 -3.65 11.31 -20.58
CA ARG B 325 -2.40 11.58 -21.30
C ARG B 325 -1.46 10.39 -21.10
N HIS B 326 -0.78 9.96 -22.17
CA HIS B 326 0.01 8.74 -22.12
C HIS B 326 1.11 8.82 -21.04
N ARG B 327 1.77 9.96 -20.96
CA ARG B 327 2.71 10.29 -19.88
C ARG B 327 2.34 11.68 -19.39
N VAL B 328 2.27 11.85 -18.06
CA VAL B 328 1.93 13.17 -17.55
C VAL B 328 3.15 14.05 -17.32
N TRP B 329 4.35 13.50 -17.29
CA TRP B 329 5.58 14.26 -17.24
C TRP B 329 6.38 13.87 -18.48
N GLU B 330 6.68 14.85 -19.32
CA GLU B 330 7.46 14.64 -20.54
C GLU B 330 8.54 15.70 -20.55
N LYS B 331 9.80 15.24 -20.57
CA LYS B 331 10.92 16.18 -20.54
CA LYS B 331 10.92 16.18 -20.54
C LYS B 331 10.76 17.14 -19.36
N ASN B 332 10.69 18.46 -19.61
CA ASN B 332 10.55 19.43 -18.51
C ASN B 332 9.13 20.01 -18.43
N CYS B 333 8.12 19.18 -18.74
CA CYS B 333 6.71 19.59 -18.70
C CYS B 333 5.89 18.58 -17.90
N VAL B 334 5.14 19.07 -16.92
CA VAL B 334 4.19 18.25 -16.15
C VAL B 334 2.80 18.75 -16.44
N ALA B 335 1.90 17.85 -16.90
CA ALA B 335 0.51 18.22 -17.12
C ALA B 335 -0.33 18.04 -15.85
N LEU B 336 -1.28 18.95 -15.64
CA LEU B 336 -2.22 18.88 -14.53
C LEU B 336 -3.62 19.14 -15.05
N GLY B 337 -4.62 18.60 -14.36
CA GLY B 337 -5.99 18.88 -14.83
C GLY B 337 -6.32 18.29 -16.18
N LEU B 338 -7.14 19.02 -16.96
CA LEU B 338 -7.63 18.46 -18.23
C LEU B 338 -6.50 18.06 -19.17
N ALA B 339 -5.37 18.78 -19.15
CA ALA B 339 -4.25 18.42 -20.02
C ALA B 339 -3.66 17.07 -19.66
N SER B 340 -3.87 16.61 -18.42
CA SER B 340 -3.41 15.27 -18.02
C SER B 340 -4.47 14.19 -18.23
N GLY B 341 -5.73 14.54 -18.30
CA GLY B 341 -6.77 13.54 -18.50
C GLY B 341 -8.10 14.08 -18.01
N PHE B 342 -9.16 13.28 -18.22
CA PHE B 342 -10.47 13.67 -17.72
C PHE B 342 -11.32 12.44 -17.44
N LEU B 343 -12.00 12.43 -16.29
CA LEU B 343 -13.10 11.55 -16.01
C LEU B 343 -14.28 12.39 -15.54
N GLU B 344 -15.50 11.99 -15.92
CA GLU B 344 -16.69 12.70 -15.48
C GLU B 344 -16.79 12.74 -13.94
N PRO B 345 -17.52 13.71 -13.41
CA PRO B 345 -17.49 13.98 -11.95
C PRO B 345 -18.36 13.09 -11.06
N ILE B 346 -18.49 11.82 -11.47
CA ILE B 346 -19.43 10.91 -10.82
CA ILE B 346 -19.45 10.93 -10.82
C ILE B 346 -18.96 10.55 -9.42
N GLU B 347 -17.64 10.59 -9.18
CA GLU B 347 -17.09 10.34 -7.85
C GLU B 347 -16.24 11.52 -7.38
N SER B 348 -16.45 12.70 -7.96
CA SER B 348 -15.88 13.94 -7.44
C SER B 348 -14.35 13.84 -7.38
N THR B 349 -13.72 13.40 -8.48
CA THR B 349 -12.28 13.15 -8.48
C THR B 349 -11.44 14.23 -9.17
N ASN B 350 -12.06 15.27 -9.77
CA ASN B 350 -11.31 16.20 -10.61
C ASN B 350 -10.25 16.96 -9.80
N ILE B 351 -10.67 17.64 -8.73
CA ILE B 351 -9.72 18.40 -7.93
C ILE B 351 -8.72 17.46 -7.26
N HIS B 352 -9.15 16.26 -6.87
CA HIS B 352 -8.24 15.26 -6.30
C HIS B 352 -7.11 14.91 -7.26
N LEU B 353 -7.43 14.72 -8.55
CA LEU B 353 -6.38 14.35 -9.50
C LEU B 353 -5.42 15.51 -9.74
N ILE B 354 -5.92 16.73 -9.70
CA ILE B 354 -5.02 17.88 -9.75
C ILE B 354 -4.10 17.86 -8.53
N GLN B 355 -4.70 17.70 -7.35
CA GLN B 355 -3.91 17.69 -6.12
C GLN B 355 -2.86 16.58 -6.16
N ARG B 356 -3.26 15.38 -6.60
CA ARG B 356 -2.28 14.29 -6.64
C ARG B 356 -1.10 14.65 -7.54
N GLY B 357 -1.37 15.27 -8.70
CA GLY B 357 -0.29 15.61 -9.59
C GLY B 357 0.65 16.61 -8.95
N ILE B 358 0.10 17.58 -8.21
CA ILE B 358 0.91 18.59 -7.54
C ILE B 358 1.70 17.98 -6.37
N VAL B 359 1.02 17.27 -5.50
CA VAL B 359 1.71 16.71 -4.33
C VAL B 359 2.79 15.73 -4.77
N ARG B 360 2.49 14.86 -5.74
CA ARG B 360 3.52 13.94 -6.21
C ARG B 360 4.71 14.70 -6.80
N LEU B 361 4.45 15.79 -7.52
CA LEU B 361 5.53 16.62 -8.06
C LEU B 361 6.35 17.24 -6.93
N LEU B 362 5.68 17.76 -5.89
CA LEU B 362 6.44 18.36 -4.79
C LEU B 362 7.28 17.30 -4.07
N GLN B 363 6.76 16.09 -3.95
CA GLN B 363 7.50 15.01 -3.30
C GLN B 363 8.63 14.48 -4.16
N THR B 364 8.65 14.81 -5.47
CA THR B 364 9.73 14.39 -6.36
CA THR B 364 9.70 14.39 -6.40
C THR B 364 10.36 15.60 -7.03
N PHE B 365 10.37 16.72 -6.34
CA PHE B 365 10.71 17.96 -7.01
C PHE B 365 12.15 17.96 -7.48
N PRO B 366 12.42 18.40 -8.71
CA PRO B 366 13.77 18.26 -9.26
C PRO B 366 14.70 19.35 -8.75
N GLN B 367 15.88 18.93 -8.28
CA GLN B 367 17.05 19.80 -8.31
C GLN B 367 17.48 19.97 -9.75
N VAL B 368 17.68 18.85 -10.43
CA VAL B 368 17.83 18.76 -11.88
CA VAL B 368 17.80 18.79 -11.87
C VAL B 368 16.79 17.75 -12.34
N ILE B 369 16.37 17.86 -13.60
CA ILE B 369 15.36 16.95 -14.11
C ILE B 369 16.05 15.67 -14.60
N ASP B 370 15.53 14.51 -14.20
CA ASP B 370 16.15 13.26 -14.62
C ASP B 370 15.11 12.25 -15.11
N PRO B 371 15.42 11.51 -16.16
CA PRO B 371 14.48 10.49 -16.65
C PRO B 371 14.01 9.51 -15.60
N VAL B 372 14.82 9.11 -14.61
CA VAL B 372 14.34 8.10 -13.68
C VAL B 372 13.23 8.68 -12.80
N ASP B 373 13.34 9.96 -12.43
CA ASP B 373 12.28 10.61 -11.66
C ASP B 373 11.01 10.72 -12.49
N ILE B 374 11.17 11.10 -13.74
CA ILE B 374 10.03 11.22 -14.64
C ILE B 374 9.32 9.88 -14.78
N ALA B 375 10.09 8.81 -14.96
CA ALA B 375 9.51 7.49 -15.13
C ALA B 375 8.73 7.06 -13.90
N GLU B 376 9.27 7.31 -12.69
CA GLU B 376 8.56 6.92 -11.47
C GLU B 376 7.25 7.70 -11.35
N TYR B 377 7.31 9.01 -11.63
CA TYR B 377 6.13 9.87 -11.57
C TYR B 377 5.05 9.35 -12.51
N ASN B 378 5.44 9.01 -13.73
CA ASN B 378 4.49 8.55 -14.72
C ASN B 378 3.88 7.22 -14.33
N ARG B 379 4.70 6.32 -13.76
CA ARG B 379 4.21 5.01 -13.36
C ARG B 379 3.14 5.15 -12.28
N GLN B 380 3.39 6.00 -11.29
CA GLN B 380 2.41 6.20 -10.23
C GLN B 380 1.14 6.82 -10.79
N ALA B 381 1.28 7.83 -11.65
CA ALA B 381 0.08 8.49 -12.15
C ALA B 381 -0.78 7.50 -12.96
N ALA B 382 -0.12 6.66 -13.78
CA ALA B 382 -0.83 5.70 -14.61
C ALA B 382 -1.58 4.70 -13.76
N GLU B 383 -0.95 4.21 -12.69
CA GLU B 383 -1.60 3.25 -11.82
C GLU B 383 -2.78 3.87 -11.10
N GLU B 384 -2.61 5.10 -10.60
CA GLU B 384 -3.68 5.73 -9.84
C GLU B 384 -4.90 5.98 -10.72
N ILE B 385 -4.67 6.46 -11.94
CA ILE B 385 -5.81 6.85 -12.75
C ILE B 385 -6.54 5.62 -13.26
N ALA B 386 -5.82 4.53 -13.57
CA ALA B 386 -6.51 3.32 -14.08
C ALA B 386 -7.46 2.77 -13.03
N HIS B 387 -7.07 2.86 -11.75
CA HIS B 387 -7.91 2.45 -10.65
C HIS B 387 -9.16 3.31 -10.53
N ILE B 388 -9.02 4.64 -10.65
CA ILE B 388 -10.20 5.50 -10.58
C ILE B 388 -11.11 5.26 -11.78
N ARG B 389 -10.53 5.15 -12.98
CA ARG B 389 -11.31 4.79 -14.18
C ARG B 389 -12.14 3.54 -13.96
N ASP B 390 -11.54 2.50 -13.39
CA ASP B 390 -12.29 1.25 -13.20
C ASP B 390 -13.50 1.48 -12.30
N PHE B 391 -13.33 2.32 -11.27
CA PHE B 391 -14.42 2.57 -10.34
C PHE B 391 -15.53 3.37 -11.01
N VAL B 392 -15.18 4.29 -11.92
CA VAL B 392 -16.19 4.98 -12.71
C VAL B 392 -16.92 4.00 -13.62
N ILE B 393 -16.17 3.12 -14.30
CA ILE B 393 -16.80 2.12 -15.16
C ILE B 393 -17.77 1.26 -14.37
N LEU B 394 -17.38 0.88 -13.14
CA LEU B 394 -18.22 0.07 -12.28
C LEU B 394 -19.62 0.65 -12.15
N HIS B 395 -19.73 1.98 -12.02
CA HIS B 395 -21.05 2.58 -11.84
C HIS B 395 -21.95 2.33 -13.02
N TYR B 396 -21.37 2.31 -14.21
CA TYR B 396 -22.18 2.09 -15.41
C TYR B 396 -22.43 0.63 -15.70
N HIS B 397 -21.47 -0.24 -15.40
CA HIS B 397 -21.56 -1.62 -15.83
C HIS B 397 -22.38 -2.45 -14.88
N ALA B 398 -22.32 -2.15 -13.58
CA ALA B 398 -23.08 -2.92 -12.59
C ALA B 398 -24.47 -2.32 -12.53
N THR B 399 -25.35 -2.74 -13.42
CA THR B 399 -26.69 -2.21 -13.41
C THR B 399 -27.66 -3.29 -13.84
N ASP B 400 -28.83 -3.27 -13.22
CA ASP B 400 -29.96 -4.08 -13.67
C ASP B 400 -30.74 -3.41 -14.80
N ARG B 401 -30.43 -2.15 -15.12
CA ARG B 401 -31.20 -1.40 -16.12
C ARG B 401 -31.03 -1.97 -17.51
N ARG B 402 -32.15 -2.21 -18.18
CA ARG B 402 -32.13 -2.55 -19.61
C ARG B 402 -33.14 -1.71 -20.37
N ASP B 403 -33.56 -0.58 -19.82
CA ASP B 403 -34.70 0.16 -20.34
C ASP B 403 -34.36 1.12 -21.47
N THR B 404 -33.08 1.42 -21.71
CA THR B 404 -32.68 2.25 -22.86
C THR B 404 -31.48 1.62 -23.51
N ALA B 405 -31.21 2.01 -24.78
CA ALA B 405 -30.03 1.47 -25.46
C ALA B 405 -28.77 1.81 -24.68
N PHE B 406 -28.73 3.02 -24.11
CA PHE B 406 -27.57 3.43 -23.31
C PHE B 406 -27.28 2.43 -22.20
N TRP B 407 -28.30 2.08 -21.40
CA TRP B 407 -28.05 1.16 -20.29
C TRP B 407 -27.81 -0.27 -20.78
N ARG B 408 -28.51 -0.72 -21.83
CA ARG B 408 -28.18 -2.05 -22.37
C ARG B 408 -26.74 -2.12 -22.83
N ASP B 409 -26.27 -1.05 -23.47
CA ASP B 409 -24.90 -1.02 -23.96
C ASP B 409 -23.93 -0.96 -22.77
N CYS B 410 -24.28 -0.23 -21.71
CA CYS B 410 -23.41 -0.21 -20.54
C CYS B 410 -23.32 -1.59 -19.90
N ALA B 411 -24.45 -2.30 -19.82
CA ALA B 411 -24.43 -3.60 -19.14
C ALA B 411 -23.73 -4.68 -19.95
N SER B 412 -23.72 -4.55 -21.27
CA SER B 412 -23.21 -5.62 -22.14
C SER B 412 -21.79 -5.40 -22.64
N MET B 413 -21.19 -4.23 -22.42
CA MET B 413 -19.87 -3.96 -22.95
C MET B 413 -18.83 -4.85 -22.28
N GLU B 414 -17.72 -5.07 -23.00
CA GLU B 414 -16.51 -5.60 -22.39
C GLU B 414 -15.93 -4.54 -21.45
N ILE B 415 -15.29 -5.00 -20.37
CA ILE B 415 -14.74 -4.11 -19.35
C ILE B 415 -13.27 -4.47 -19.11
N PRO B 416 -12.50 -3.59 -18.49
CA PRO B 416 -11.10 -3.93 -18.20
C PRO B 416 -11.00 -5.19 -17.33
N ASP B 417 -9.97 -6.01 -17.60
CA ASP B 417 -9.78 -7.22 -16.79
C ASP B 417 -9.55 -6.86 -15.33
N SER B 418 -8.92 -5.71 -15.10
CA SER B 418 -8.65 -5.27 -13.74
C SER B 418 -9.95 -5.06 -12.98
N LEU B 419 -10.97 -4.49 -13.65
CA LEU B 419 -12.27 -4.31 -13.00
C LEU B 419 -13.01 -5.63 -12.87
N ARG B 420 -12.96 -6.44 -13.92
CA ARG B 420 -13.67 -7.71 -13.87
CA ARG B 420 -13.67 -7.71 -13.87
C ARG B 420 -13.20 -8.56 -12.70
N HIS B 421 -11.89 -8.60 -12.46
CA HIS B 421 -11.39 -9.42 -11.37
C HIS B 421 -11.95 -8.95 -10.02
N ARG B 422 -12.01 -7.63 -9.79
CA ARG B 422 -12.54 -7.14 -8.51
C ARG B 422 -14.02 -7.48 -8.35
N MET B 423 -14.79 -7.33 -9.42
CA MET B 423 -16.21 -7.65 -9.35
C MET B 423 -16.42 -9.14 -9.08
N GLU B 424 -15.63 -9.98 -9.75
CA GLU B 424 -15.77 -11.42 -9.56
CA GLU B 424 -15.74 -11.43 -9.58
C GLU B 424 -15.35 -11.85 -8.16
N LEU B 425 -14.30 -11.22 -7.60
CA LEU B 425 -13.89 -11.54 -6.24
C LEU B 425 -15.02 -11.24 -5.26
N PHE B 426 -15.68 -10.10 -5.43
CA PHE B 426 -16.75 -9.76 -4.52
C PHE B 426 -17.95 -10.68 -4.74
N ARG B 427 -18.25 -10.97 -6.01
CA ARG B 427 -19.42 -11.79 -6.33
C ARG B 427 -19.27 -13.19 -5.78
N GLN B 428 -18.04 -13.71 -5.78
CA GLN B 428 -17.84 -15.08 -5.34
CA GLN B 428 -17.82 -15.08 -5.33
C GLN B 428 -17.74 -15.17 -3.82
N SER B 429 -16.96 -14.28 -3.18
CA SER B 429 -16.67 -14.50 -1.76
CA SER B 429 -16.67 -14.48 -1.75
C SER B 429 -16.82 -13.25 -0.90
N GLY B 430 -17.35 -12.15 -1.45
CA GLY B 430 -17.58 -10.97 -0.65
C GLY B 430 -16.34 -10.21 -0.30
N ARG B 431 -15.23 -10.47 -1.00
CA ARG B 431 -13.93 -9.95 -0.65
C ARG B 431 -13.63 -8.72 -1.48
N VAL B 432 -13.02 -7.75 -0.82
CA VAL B 432 -12.47 -6.57 -1.46
CA VAL B 432 -12.48 -6.54 -1.43
C VAL B 432 -11.08 -6.37 -0.86
N PHE B 433 -10.15 -5.88 -1.67
CA PHE B 433 -8.79 -5.66 -1.21
CA PHE B 433 -8.79 -5.66 -1.18
C PHE B 433 -8.33 -4.30 -1.70
N HIS B 434 -7.69 -3.51 -0.85
CA HIS B 434 -7.18 -2.23 -1.32
C HIS B 434 -5.67 -2.30 -1.50
N GLN B 435 -5.19 -1.75 -2.62
CA GLN B 435 -3.76 -1.57 -2.92
C GLN B 435 -3.21 -0.16 -3.00
N GLY B 436 -2.02 -0.14 -2.42
CA GLY B 436 -1.01 0.84 -2.61
C GLY B 436 -1.62 2.16 -2.32
N ASN B 437 -1.63 2.97 -3.36
CA ASN B 437 -2.19 4.28 -3.28
C ASN B 437 -3.47 4.40 -4.10
N GLU B 438 -4.21 3.30 -4.27
CA GLU B 438 -5.54 3.41 -4.88
C GLU B 438 -6.40 4.35 -4.06
N LEU B 439 -7.17 5.18 -4.77
CA LEU B 439 -8.04 6.13 -4.07
C LEU B 439 -9.15 5.41 -3.30
N PHE B 440 -9.89 4.51 -3.96
CA PHE B 440 -11.14 4.03 -3.36
C PHE B 440 -10.87 2.95 -2.32
N ALA B 441 -11.33 3.20 -1.09
CA ALA B 441 -11.13 2.28 0.02
C ALA B 441 -12.06 1.07 -0.09
N GLU B 442 -11.80 0.06 0.76
CA GLU B 442 -12.63 -1.13 0.79
CA GLU B 442 -12.63 -1.13 0.78
C GLU B 442 -14.10 -0.77 0.99
N ASN B 443 -14.38 0.16 1.90
CA ASN B 443 -15.77 0.57 2.14
C ASN B 443 -16.45 1.06 0.87
N SER B 444 -15.72 1.77 0.02
CA SER B 444 -16.32 2.30 -1.20
C SER B 444 -16.68 1.18 -2.17
N TRP B 445 -15.75 0.26 -2.41
CA TRP B 445 -16.05 -0.88 -3.27
C TRP B 445 -17.26 -1.64 -2.75
N ILE B 446 -17.34 -1.82 -1.42
CA ILE B 446 -18.46 -2.59 -0.87
C ILE B 446 -19.77 -1.83 -1.02
N GLN B 447 -19.79 -0.55 -0.62
CA GLN B 447 -21.04 0.20 -0.71
C GLN B 447 -21.55 0.25 -2.15
N VAL B 448 -20.66 0.51 -3.10
CA VAL B 448 -21.10 0.64 -4.48
C VAL B 448 -21.50 -0.71 -5.06
N MET B 449 -20.73 -1.79 -4.80
CA MET B 449 -21.14 -3.06 -5.39
C MET B 449 -22.42 -3.57 -4.76
N LEU B 450 -22.56 -3.50 -3.43
CA LEU B 450 -23.83 -3.92 -2.83
C LEU B 450 -24.97 -3.03 -3.32
N GLY B 451 -24.71 -1.72 -3.34
CA GLY B 451 -25.73 -0.78 -3.75
C GLY B 451 -26.20 -0.99 -5.17
N GLN B 452 -25.30 -1.44 -6.05
CA GLN B 452 -25.68 -1.64 -7.44
C GLN B 452 -26.00 -3.11 -7.76
N GLY B 453 -26.21 -3.92 -6.73
CA GLY B 453 -26.84 -5.21 -6.93
C GLY B 453 -25.93 -6.40 -7.14
N ILE B 454 -24.65 -6.29 -6.80
CA ILE B 454 -23.79 -7.48 -6.76
CA ILE B 454 -23.78 -7.47 -6.76
C ILE B 454 -23.98 -8.15 -5.39
N VAL B 455 -24.32 -9.44 -5.41
CA VAL B 455 -24.62 -10.19 -4.19
C VAL B 455 -23.58 -11.29 -4.02
N PRO B 456 -22.73 -11.21 -2.99
CA PRO B 456 -21.74 -12.27 -2.77
C PRO B 456 -22.43 -13.62 -2.61
N ARG B 457 -21.87 -14.63 -3.26
CA ARG B 457 -22.40 -16.00 -3.18
C ARG B 457 -22.02 -16.68 -1.86
N HIS B 458 -20.94 -16.22 -1.22
CA HIS B 458 -20.46 -16.74 0.06
C HIS B 458 -19.91 -15.58 0.85
N HIS B 459 -19.81 -15.78 2.16
CA HIS B 459 -19.13 -14.82 3.01
C HIS B 459 -18.04 -15.58 3.78
N HIS B 460 -17.24 -14.82 4.46
CA HIS B 460 -16.09 -15.39 5.15
C HIS B 460 -16.53 -16.33 6.27
N PRO B 461 -15.92 -17.52 6.36
CA PRO B 461 -16.30 -18.47 7.43
C PRO B 461 -16.19 -17.93 8.86
N VAL B 462 -15.31 -16.97 9.14
CA VAL B 462 -15.21 -16.41 10.50
CA VAL B 462 -15.22 -16.47 10.51
C VAL B 462 -16.54 -15.86 10.96
N ALA B 463 -17.34 -15.33 10.03
CA ALA B 463 -18.62 -14.77 10.46
C ALA B 463 -19.59 -15.88 10.92
N ASP B 464 -19.35 -17.13 10.55
CA ASP B 464 -20.27 -18.19 10.96
C ASP B 464 -20.03 -18.66 12.40
N LEU B 465 -18.98 -18.14 13.07
CA LEU B 465 -18.68 -18.56 14.43
C LEU B 465 -19.68 -18.02 15.44
N MET B 466 -20.35 -16.93 15.10
CA MET B 466 -21.35 -16.34 16.00
C MET B 466 -22.73 -16.97 15.78
N GLY B 467 -23.40 -17.30 16.88
CA GLY B 467 -24.82 -17.64 16.79
C GLY B 467 -25.66 -16.39 16.51
N ASP B 468 -26.97 -16.60 16.25
CA ASP B 468 -27.84 -15.50 15.86
C ASP B 468 -27.87 -14.40 16.91
N ALA B 469 -27.97 -14.75 18.20
CA ALA B 469 -28.13 -13.71 19.21
C ALA B 469 -26.87 -12.88 19.35
N GLU B 470 -25.71 -13.56 19.32
CA GLU B 470 -24.43 -12.86 19.42
C GLU B 470 -24.23 -11.95 18.21
N LEU B 471 -24.56 -12.45 17.01
CA LEU B 471 -24.40 -11.63 15.80
C LEU B 471 -25.37 -10.46 15.79
N SER B 472 -26.61 -10.68 16.22
CA SER B 472 -27.55 -9.57 16.28
C SER B 472 -27.11 -8.51 17.28
N GLN B 473 -26.56 -8.94 18.44
CA GLN B 473 -26.12 -7.94 19.43
C GLN B 473 -24.90 -7.17 18.94
N PHE B 474 -23.98 -7.84 18.24
CA PHE B 474 -22.80 -7.17 17.68
C PHE B 474 -23.23 -6.03 16.75
N LEU B 475 -24.13 -6.33 15.81
CA LEU B 475 -24.59 -5.29 14.88
C LEU B 475 -25.36 -4.21 15.62
N GLU B 476 -26.23 -4.62 16.55
CA GLU B 476 -27.07 -3.62 17.21
CA GLU B 476 -27.06 -3.61 17.19
C GLU B 476 -26.24 -2.67 18.04
N GLY B 477 -25.14 -3.14 18.63
CA GLY B 477 -24.28 -2.24 19.38
C GLY B 477 -23.67 -1.18 18.49
N ILE B 478 -23.21 -1.61 17.31
CA ILE B 478 -22.68 -0.67 16.33
C ILE B 478 -23.74 0.35 15.95
N ARG B 479 -24.95 -0.12 15.67
CA ARG B 479 -26.00 0.81 15.24
C ARG B 479 -26.36 1.79 16.35
N GLN B 480 -26.41 1.34 17.59
CA GLN B 480 -26.72 2.27 18.67
C GLN B 480 -25.63 3.32 18.86
N ARG B 481 -24.37 2.96 18.66
CA ARG B 481 -23.30 3.94 18.76
C ARG B 481 -23.38 4.94 17.61
N VAL B 482 -23.71 4.46 16.40
CA VAL B 482 -23.92 5.36 15.28
C VAL B 482 -25.03 6.37 15.61
N GLU B 483 -26.18 5.88 16.10
CA GLU B 483 -27.30 6.79 16.38
C GLU B 483 -26.97 7.73 17.53
N ALA B 484 -26.21 7.28 18.51
CA ALA B 484 -25.90 8.16 19.64
C ALA B 484 -24.99 9.28 19.21
N THR B 485 -24.02 8.97 18.34
CA THR B 485 -23.13 9.99 17.82
C THR B 485 -23.88 10.94 16.90
N LEU B 486 -24.73 10.39 16.04
CA LEU B 486 -25.48 11.20 15.10
C LEU B 486 -26.35 12.23 15.82
N ALA B 487 -26.93 11.82 16.95
CA ALA B 487 -27.80 12.71 17.71
C ALA B 487 -27.06 13.91 18.29
N ARG B 488 -25.74 13.87 18.41
CA ARG B 488 -25.01 15.04 18.90
C ARG B 488 -24.68 16.01 17.79
N LEU B 489 -25.00 15.65 16.56
CA LEU B 489 -24.56 16.56 15.51
C LEU B 489 -25.65 17.57 15.17
N PRO B 490 -25.29 18.83 14.99
CA PRO B 490 -26.31 19.84 14.69
C PRO B 490 -26.73 19.75 13.23
N PRO B 491 -27.88 20.34 12.89
CA PRO B 491 -28.23 20.50 11.47
C PRO B 491 -27.11 21.24 10.75
N HIS B 492 -26.87 20.82 9.50
CA HIS B 492 -25.82 21.39 8.67
C HIS B 492 -25.84 22.92 8.68
N ALA B 493 -27.02 23.51 8.46
CA ALA B 493 -27.13 24.95 8.31
C ALA B 493 -26.73 25.67 9.59
N GLU B 494 -27.05 25.08 10.75
CA GLU B 494 -26.66 25.65 12.03
C GLU B 494 -25.16 25.59 12.23
N PHE B 495 -24.54 24.47 11.83
CA PHE B 495 -23.10 24.40 11.96
C PHE B 495 -22.42 25.40 11.05
N LEU B 496 -22.87 25.50 9.80
CA LEU B 496 -22.27 26.46 8.88
C LEU B 496 -22.35 27.88 9.44
N ARG B 497 -23.50 28.21 10.04
CA ARG B 497 -23.69 29.57 10.54
CA ARG B 497 -23.69 29.57 10.54
C ARG B 497 -22.70 29.90 11.65
N ARG B 498 -22.33 28.92 12.46
CA ARG B 498 -21.40 29.15 13.55
C ARG B 498 -19.95 29.02 13.14
N TYR B 499 -19.67 28.28 12.08
CA TYR B 499 -18.29 27.92 11.77
C TYR B 499 -17.71 28.68 10.60
N CYS B 500 -18.47 28.85 9.53
CA CYS B 500 -17.87 29.42 8.32
C CYS B 500 -18.90 30.16 7.46
N PRO B 501 -19.68 31.08 8.04
CA PRO B 501 -20.73 31.75 7.27
C PRO B 501 -20.14 32.57 6.14
N ALA B 502 -20.65 32.34 4.95
CA ALA B 502 -20.24 33.05 3.76
C ALA B 502 -21.15 34.24 3.51
N PRO B 503 -20.60 35.33 2.98
CA PRO B 503 -21.42 36.50 2.63
C PRO B 503 -22.41 36.16 1.52
N ALA B 504 -23.60 36.75 1.61
CA ALA B 504 -24.62 36.51 0.58
C ALA B 504 -24.17 37.09 -0.75
N PRO B 505 -24.22 36.30 -1.83
CA PRO B 505 -23.90 36.85 -3.15
C PRO B 505 -24.84 37.99 -3.51
N PRO B 506 -24.39 38.92 -4.36
CA PRO B 506 -25.15 40.13 -4.72
C PRO B 506 -26.32 39.87 -5.68
P PO4 C . 28.81 -3.39 15.58
O1 PO4 C . 29.45 -2.77 14.36
O2 PO4 C . 29.72 -4.52 16.05
O3 PO4 C . 27.45 -3.93 15.25
O4 PO4 C . 28.60 -2.30 16.61
O1 TLA D . 9.69 -24.40 5.50
O11 TLA D . 9.22 -26.52 5.23
C1 TLA D . 9.84 -25.60 5.78
C2 TLA D . 10.81 -25.94 6.87
O2 TLA D . 10.94 -27.35 6.98
C3 TLA D . 10.26 -25.39 8.20
O3 TLA D . 8.95 -25.91 8.49
C4 TLA D . 11.24 -25.71 9.31
O4 TLA D . 12.38 -25.17 9.23
O41 TLA D . 10.87 -26.46 10.26
O1 MES E . -4.70 -7.16 10.15
C2 MES E . -3.66 -6.69 10.99
C3 MES E . -2.40 -7.55 10.89
N4 MES E . -2.05 -7.61 9.47
C5 MES E . -3.07 -7.90 8.48
C6 MES E . -4.32 -8.24 9.29
C7 MES E . -0.64 -7.62 9.09
C8 MES E . -0.33 -9.03 8.63
S MES E . 1.30 -9.43 8.52
O1S MES E . 2.03 -8.81 7.40
O2S MES E . 2.05 -9.13 9.75
O3S MES E . 1.13 -10.88 8.26
O1 MES F . 10.45 18.88 9.63
C2 MES F . 11.80 18.75 9.17
C3 MES F . 12.19 19.80 8.13
N4 MES F . 11.79 21.12 8.60
C5 MES F . 10.92 21.24 9.76
C6 MES F . 9.88 20.17 9.48
C7 MES F . 12.09 22.30 7.78
C8 MES F . 10.77 22.89 7.27
S MES F . 10.93 23.86 5.91
O1S MES F . 10.00 25.00 6.00
O2S MES F . 12.33 24.35 5.77
O3S MES F . 10.55 23.10 4.70
O1 MES G . 8.21 12.00 2.92
O1 MES G . 5.23 8.98 0.74
C2 MES G . 8.15 10.59 3.18
C2 MES G . 6.00 8.55 1.86
C3 MES G . 7.76 9.77 1.95
C3 MES G . 7.39 9.19 1.92
N4 MES G . 8.59 10.27 0.86
N4 MES G . 7.95 9.38 0.59
C5 MES G . 8.57 11.70 0.52
C5 MES G . 7.09 9.72 -0.54
C6 MES G . 7.76 12.38 1.60
C6 MES G . 5.91 8.76 -0.48
C7 MES G . 9.50 9.34 0.20
C7 MES G . 9.24 10.08 0.62
C8 MES G . 10.17 10.06 -0.97
C8 MES G . 10.13 9.47 -0.46
S MES G . 11.70 10.52 -0.45
S MES G . 11.68 10.03 -0.18
O1S MES G . 11.77 11.98 -0.38
O1S MES G . 11.58 11.49 0.07
O2S MES G . 12.68 10.00 -1.42
O2S MES G . 12.52 9.75 -1.35
O3S MES G . 11.93 9.95 0.91
O3S MES G . 12.15 9.30 1.02
C1 BUD H . 11.73 -6.04 8.29
O1 BUD H . 13.59 -5.04 7.21
C2 BUD H . 12.18 -5.10 7.18
O2 BUD H . 11.89 -2.81 6.35
C3 BUD H . 11.58 -3.72 7.40
C4 BUD H . 10.05 -3.85 7.51
C1 BUD I . 35.04 -20.86 0.99
O1 BUD I . 36.09 -18.79 0.56
C2 BUD I . 34.85 -19.43 0.52
O2 BUD I . 33.96 -17.36 1.31
C3 BUD I . 33.89 -18.73 1.49
C4 BUD I . 32.45 -19.17 1.18
C1 BUD J . 38.86 -10.99 4.78
O1 BUD J . 38.55 -12.83 3.18
C2 BUD J . 37.90 -11.86 3.96
O2 BUD J . 36.49 -11.82 2.09
C3 BUD J . 37.15 -10.97 2.98
C4 BUD J . 36.08 -10.14 3.69
C1 BUD K . 22.70 -32.72 19.06
O1 BUD K . 24.91 -32.23 19.93
C2 BUD K . 24.20 -32.73 18.80
O2 BUD K . 25.79 -32.43 16.99
C3 BUD K . 24.60 -31.98 17.52
C4 BUD K . 23.60 -32.07 16.41
C1 BUD L . 21.02 -29.64 19.76
O1 BUD L . 19.72 -29.31 21.75
C2 BUD L . 20.96 -29.02 21.15
O2 BUD L . 21.20 -26.98 22.34
C3 BUD L . 21.11 -27.51 21.05
C4 BUD L . 22.41 -27.19 20.35
C03 BU9 M . 7.56 -36.04 4.89
C04 BU9 M . 6.78 -37.09 5.69
O06 BU9 M . 5.93 -37.77 4.81
C05 BU9 M . 5.98 -36.44 6.83
C01 BU9 M . 6.89 -35.58 7.71
O6 BU9 M . 4.93 -35.64 6.32
O1 TLA N . -7.36 22.78 -17.12
O11 TLA N . -8.01 21.28 -15.70
C1 TLA N . -8.15 22.37 -16.25
C2 TLA N . -9.33 23.23 -15.88
O2 TLA N . -9.34 24.40 -16.70
C3 TLA N . -9.26 23.65 -14.40
O3 TLA N . -8.07 24.35 -14.14
C4 TLA N . -10.48 24.47 -14.03
O4 TLA N . -10.38 25.67 -13.64
O41 TLA N . -11.60 23.90 -14.14
O1 TLA O . -31.18 -7.09 -3.73
O11 TLA O . -32.12 -8.17 -5.42
C1 TLA O . -32.00 -7.92 -4.20
C2 TLA O . -32.86 -8.66 -3.22
O2 TLA O . -33.78 -9.53 -3.92
C3 TLA O . -33.66 -7.62 -2.45
O3 TLA O . -34.45 -6.81 -3.36
C4 TLA O . -34.65 -8.27 -1.53
O4 TLA O . -34.22 -8.93 -0.55
O41 TLA O . -35.86 -8.07 -1.78
O1 TLA P . -9.21 20.65 13.40
O11 TLA P . -10.00 21.46 11.49
C1 TLA P . -10.13 21.10 12.69
C2 TLA P . -11.49 21.21 13.31
O2 TLA P . -11.98 22.53 13.13
C3 TLA P . -11.50 20.86 14.80
O3 TLA P . -12.69 21.40 15.41
C4 TLA P . -11.63 19.38 14.91
O4 TLA P . -11.89 18.85 16.01
O41 TLA P . -11.49 18.73 13.85
O1 TLA Q . 5.05 10.61 -27.10
O11 TLA Q . 5.04 8.38 -26.95
C1 TLA Q . 4.69 9.46 -27.49
C2 TLA Q . 3.77 9.34 -28.65
O2 TLA Q . 3.49 10.61 -29.23
C3 TLA Q . 2.50 8.80 -28.05
O3 TLA Q . 2.10 9.71 -27.03
C4 TLA Q . 1.46 8.66 -29.12
O4 TLA Q . 0.54 9.51 -29.20
O41 TLA Q . 1.58 7.69 -29.90
O1 MES R . 2.61 12.52 2.82
C2 MES R . 2.09 13.83 2.93
C3 MES R . 0.57 13.82 2.88
N4 MES R . 0.25 13.14 1.64
C5 MES R . 0.65 11.74 1.58
C6 MES R . 2.17 11.78 1.67
C7 MES R . -0.98 13.56 0.97
C8 MES R . -1.29 12.51 -0.08
S MES R . -2.65 12.98 -0.92
O1S MES R . -2.20 13.91 -1.99
O2S MES R . -3.68 13.52 0.00
O3S MES R . -3.25 11.77 -1.52
O1 MES S . -9.86 -6.77 7.34
C2 MES S . -9.45 -5.65 6.55
C3 MES S . -8.73 -6.04 5.24
N4 MES S . -9.52 -7.14 4.71
C5 MES S . -9.78 -8.33 5.52
C6 MES S . -9.27 -8.00 6.92
C7 MES S . -10.23 -6.95 3.46
C8 MES S . -10.66 -8.31 2.95
S MES S . -12.31 -8.38 3.14
O1S MES S . -12.58 -9.36 4.20
O2S MES S . -12.80 -7.01 3.43
O3S MES S . -12.90 -8.83 1.90
C1 BUD T . -29.59 12.65 -20.69
O1 BUD T . -31.06 11.07 -19.87
C2 BUD T . -31.06 12.28 -20.52
O2 BUD T . -32.97 11.51 -21.66
C3 BUD T . -31.69 12.06 -21.87
C4 BUD T . -31.75 13.37 -22.64
C1 BUD U . -11.42 7.30 -0.25
O1 BUD U . -12.94 5.66 -0.90
C2 BUD U . -12.87 7.03 -0.62
O2 BUD U . -14.56 7.73 -2.24
C3 BUD U . -13.23 7.90 -1.84
C4 BUD U . -13.06 9.40 -1.57
C1 BUD V . -34.47 7.25 -14.01
O1 BUD V . -34.44 7.26 -16.37
C2 BUD V . -35.30 7.29 -15.29
O2 BUD V . -36.43 8.74 -16.77
C3 BUD V . -36.05 8.61 -15.42
C4 BUD V . -37.29 8.68 -14.54
#